data_4JCV
#
_entry.id   4JCV
#
_cell.length_a   63.130
_cell.length_b   93.110
_cell.length_c   92.350
_cell.angle_alpha   103.60
_cell.angle_beta   110.42
_cell.angle_gamma   106.22
#
_symmetry.space_group_name_H-M   'P 1'
#
loop_
_entity.id
_entity.type
_entity.pdbx_description
1 polymer 'Recombination protein RecR'
2 polymer 'DNA repair protein RecO'
3 non-polymer 'ZINC ION'
#
loop_
_entity_poly.entity_id
_entity_poly.type
_entity_poly.pdbx_seq_one_letter_code
_entity_poly.pdbx_strand_id
1 'polypeptide(L)'
;MSYYHHHHHHLESTSLYKKAGLKYPPSLVSLIRELSRLPGIGPASAQALAFHLFEQPREDIERLASALLEAKRDLHVCPI
CFNITDAEKCDVCADPSRDQRTICVVEEPGDVIALERSGEYRGLYHVLHGVLSPMNGVGPDKLHIKPLLPRVGQGMEVIL
ATGTTVEGDATALYLQRLLEPLGAAISRIAYGVPVGGSLEYTDEVTLGRALTGRQTVSKPQPPQRPGDEDGADGAAVPAS
R
;
A,B,C,D
2 'polypeptide(L)'
;MSYYHHHHHHLESTSLYKKAGLRSRTANRSGIVIRRRVTPAGDIIVTLLTPQGKLKAIARGGVKGPLSSSLNLFHHVGVQ
VYQGPHNDLASVKQAVLEGALPTLAEPERYAFAHLMAEFADALFQEGEFSEQAFDLFAASLRGVAHQPDPEWVALVMSYK
LLGLAGVIPQTARCARCGAPDPEHPDPLGGQLLCSKCAALPPYPPAVLDFLRHAVRRTVRASFEQPVPSADRPALWRALE
KFVTVQVGGVHSWRQLVPSGVPVLS
;
E,F
#
loop_
_chem_comp.id
_chem_comp.type
_chem_comp.name
_chem_comp.formula
ZN non-polymer 'ZINC ION' 'Zn 2'
#
# COMPACT_ATOMS: atom_id res chain seq x y z
N LYS A 23 12.51 18.45 25.89
CA LYS A 23 13.62 19.41 26.01
C LYS A 23 13.40 20.64 25.13
N TYR A 24 12.15 20.93 24.76
CA TYR A 24 11.89 22.00 23.83
C TYR A 24 11.36 23.21 24.57
N PRO A 25 11.50 24.42 23.97
CA PRO A 25 10.97 25.60 24.61
C PRO A 25 9.46 25.37 24.81
N PRO A 26 8.91 25.88 25.92
CA PRO A 26 7.59 25.48 26.34
C PRO A 26 6.58 25.76 25.23
N SER A 27 6.75 26.92 24.60
CA SER A 27 5.91 27.32 23.48
C SER A 27 5.78 26.18 22.46
N LEU A 28 6.94 25.62 22.09
CA LEU A 28 6.97 24.57 21.11
C LEU A 28 6.03 23.44 21.55
N VAL A 29 6.16 23.00 22.80
CA VAL A 29 5.32 21.89 23.24
C VAL A 29 3.84 22.20 23.14
N SER A 30 3.43 23.38 23.62
CA SER A 30 2.08 23.86 23.39
C SER A 30 1.66 23.70 21.92
N LEU A 31 2.34 24.45 21.05
CA LEU A 31 1.96 24.42 19.65
C LEU A 31 1.79 22.99 19.16
N ILE A 32 2.72 22.12 19.57
CA ILE A 32 2.74 20.73 19.11
C ILE A 32 1.49 19.97 19.59
N ARG A 33 1.17 20.21 20.85
CA ARG A 33 0.02 19.60 21.47
C ARG A 33 -1.25 19.95 20.69
N GLU A 34 -1.50 21.25 20.57
CA GLU A 34 -2.64 21.75 19.82
C GLU A 34 -2.67 21.15 18.45
N LEU A 35 -1.50 21.01 17.84
CA LEU A 35 -1.46 20.51 16.48
C LEU A 35 -1.92 19.07 16.45
N SER A 36 -1.60 18.36 17.53
CA SER A 36 -1.84 16.93 17.62
C SER A 36 -3.29 16.63 17.89
N ARG A 37 -3.92 17.53 18.62
CA ARG A 37 -5.35 17.52 18.82
C ARG A 37 -6.13 17.38 17.50
N LEU A 38 -5.74 18.12 16.49
CA LEU A 38 -6.39 17.99 15.18
C LEU A 38 -6.44 16.54 14.71
N PRO A 39 -7.57 16.14 14.15
CA PRO A 39 -7.76 14.76 13.68
C PRO A 39 -6.84 14.51 12.49
N GLY A 40 -6.11 13.41 12.51
CA GLY A 40 -5.22 13.09 11.40
C GLY A 40 -3.75 13.44 11.67
N ILE A 41 -3.53 14.27 12.67
CA ILE A 41 -2.18 14.65 13.00
C ILE A 41 -1.61 13.71 14.08
N GLY A 42 -0.75 12.80 13.62
CA GLY A 42 0.03 11.95 14.49
C GLY A 42 1.00 12.86 15.23
N PRO A 43 1.40 12.44 16.43
CA PRO A 43 2.25 13.34 17.22
C PRO A 43 3.53 13.67 16.43
N ALA A 44 4.01 12.67 15.69
CA ALA A 44 5.13 12.83 14.81
C ALA A 44 4.87 13.96 13.82
N SER A 45 3.76 13.81 13.11
CA SER A 45 3.31 14.76 12.14
C SER A 45 3.16 16.14 12.76
N ALA A 46 2.64 16.20 13.98
CA ALA A 46 2.45 17.47 14.69
C ALA A 46 3.75 18.21 14.94
N GLN A 47 4.80 17.45 15.27
CA GLN A 47 6.14 18.02 15.41
C GLN A 47 6.68 18.52 14.07
N ALA A 48 6.73 17.63 13.08
CA ALA A 48 7.19 18.02 11.76
C ALA A 48 6.50 19.33 11.37
N LEU A 49 5.23 19.39 11.76
CA LEU A 49 4.30 20.41 11.34
C LEU A 49 4.63 21.73 12.01
N ALA A 50 5.09 21.63 13.26
CA ALA A 50 5.44 22.82 14.02
C ALA A 50 6.78 23.36 13.57
N PHE A 51 7.75 22.47 13.39
CA PHE A 51 9.05 22.82 12.87
C PHE A 51 8.92 23.61 11.60
N HIS A 52 8.19 23.03 10.65
CA HIS A 52 7.95 23.75 9.42
C HIS A 52 7.21 25.03 9.67
N LEU A 53 6.27 24.99 10.60
CA LEU A 53 5.50 26.20 10.82
C LEU A 53 6.46 27.32 11.19
N PHE A 54 7.57 26.95 11.82
CA PHE A 54 8.56 27.90 12.29
C PHE A 54 9.25 28.62 11.17
N GLU A 55 9.70 27.84 10.19
CA GLU A 55 10.46 28.35 9.05
C GLU A 55 9.69 29.33 8.16
N GLN A 56 8.39 29.42 8.36
CA GLN A 56 7.54 30.36 7.60
C GLN A 56 7.56 31.74 8.20
N PRO A 57 7.31 32.77 7.40
CA PRO A 57 7.34 34.16 7.87
C PRO A 57 6.16 34.49 8.77
N ARG A 58 6.20 35.64 9.41
CA ARG A 58 5.21 36.02 10.41
C ARG A 58 3.88 36.38 9.76
N GLU A 59 3.96 36.92 8.55
CA GLU A 59 2.80 37.09 7.72
C GLU A 59 2.10 35.75 7.75
N ASP A 60 2.75 34.73 7.18
CA ASP A 60 2.14 33.41 6.98
C ASP A 60 1.31 32.92 8.18
N ILE A 61 1.91 33.07 9.35
CA ILE A 61 1.32 32.62 10.59
C ILE A 61 0.16 33.52 11.01
N GLU A 62 0.44 34.77 11.34
CA GLU A 62 -0.59 35.70 11.84
C GLU A 62 -1.81 35.57 10.97
N ARG A 63 -1.60 35.32 9.69
CA ARG A 63 -2.71 35.08 8.75
C ARG A 63 -3.41 33.72 9.01
N LEU A 64 -2.67 32.63 9.14
CA LEU A 64 -3.32 31.34 9.44
C LEU A 64 -4.21 31.44 10.69
N ALA A 65 -3.59 31.86 11.79
CA ALA A 65 -4.31 32.04 13.03
C ALA A 65 -5.50 32.98 12.87
N SER A 66 -5.27 34.09 12.16
CA SER A 66 -6.34 35.03 11.90
C SER A 66 -7.49 34.32 11.21
N ALA A 67 -7.20 33.61 10.13
CA ALA A 67 -8.20 32.84 9.38
C ALA A 67 -9.00 31.94 10.28
N LEU A 68 -8.35 31.29 11.25
CA LEU A 68 -9.04 30.43 12.24
C LEU A 68 -10.01 31.21 13.06
N LEU A 69 -9.53 32.24 13.72
CA LEU A 69 -10.39 33.04 14.58
C LEU A 69 -11.57 33.64 13.80
N GLU A 70 -11.29 34.12 12.60
CA GLU A 70 -12.33 34.68 11.74
C GLU A 70 -13.34 33.59 11.32
N ALA A 71 -12.90 32.34 11.20
CA ALA A 71 -13.84 31.26 10.94
C ALA A 71 -14.72 31.01 12.16
N LYS A 72 -14.09 30.86 13.31
CA LYS A 72 -14.81 30.65 14.56
C LYS A 72 -15.87 31.73 14.77
N ARG A 73 -15.52 32.98 14.47
CA ARG A 73 -16.47 34.10 14.65
C ARG A 73 -17.55 34.21 13.56
N ASP A 74 -17.14 34.15 12.31
CA ASP A 74 -18.03 34.46 11.19
C ASP A 74 -19.11 33.42 10.98
N LEU A 75 -18.69 32.21 10.66
CA LEU A 75 -19.59 31.23 10.05
C LEU A 75 -20.26 30.33 11.10
N HIS A 76 -21.57 30.21 11.00
CA HIS A 76 -22.36 29.43 11.96
C HIS A 76 -23.25 28.43 11.27
N VAL A 77 -24.27 27.97 11.98
CA VAL A 77 -25.05 26.85 11.54
C VAL A 77 -26.39 27.42 11.06
N CYS A 78 -26.84 26.97 9.89
CA CYS A 78 -28.09 27.44 9.32
C CYS A 78 -29.29 26.98 10.13
N PRO A 79 -30.22 27.92 10.39
CA PRO A 79 -31.33 27.66 11.30
C PRO A 79 -32.32 26.65 10.77
N ILE A 80 -32.43 26.57 9.45
CA ILE A 80 -33.44 25.73 8.81
C ILE A 80 -32.94 24.29 8.72
N CYS A 81 -32.05 24.04 7.76
CA CYS A 81 -31.10 22.92 7.87
C CYS A 81 -29.80 23.39 8.48
N PHE A 82 -29.27 22.65 9.45
CA PHE A 82 -28.12 23.12 10.21
C PHE A 82 -26.81 23.01 9.45
N ASN A 83 -26.90 23.22 8.13
CA ASN A 83 -25.71 23.41 7.30
C ASN A 83 -24.95 24.66 7.68
N ILE A 84 -23.69 24.75 7.22
CA ILE A 84 -22.81 25.84 7.60
C ILE A 84 -23.09 27.06 6.74
N THR A 85 -22.95 28.26 7.30
CA THR A 85 -22.94 29.53 6.55
C THR A 85 -22.61 30.73 7.40
N ASP A 86 -22.25 31.81 6.72
CA ASP A 86 -21.94 33.06 7.34
C ASP A 86 -23.17 33.91 7.27
N ALA A 87 -24.19 33.38 6.62
CA ALA A 87 -25.44 34.10 6.36
C ALA A 87 -26.57 33.74 7.30
N GLU A 88 -27.74 34.34 7.10
CA GLU A 88 -28.90 34.05 7.93
C GLU A 88 -29.63 32.78 7.49
N LYS A 89 -29.38 32.38 6.25
CA LYS A 89 -29.91 31.12 5.70
C LYS A 89 -28.84 30.56 4.79
N CYS A 90 -28.60 29.25 4.84
CA CYS A 90 -27.60 28.63 3.94
C CYS A 90 -27.97 28.98 2.53
N ASP A 91 -26.98 29.16 1.66
CA ASP A 91 -27.26 29.45 0.25
C ASP A 91 -28.32 28.46 -0.29
N VAL A 92 -28.25 27.21 0.11
CA VAL A 92 -29.21 26.19 -0.34
C VAL A 92 -30.67 26.42 0.12
N CYS A 93 -30.84 26.92 1.34
CA CYS A 93 -32.19 27.20 1.82
C CYS A 93 -32.72 28.46 1.10
N ALA A 94 -31.96 29.55 1.15
CA ALA A 94 -32.37 30.79 0.49
C ALA A 94 -32.71 30.60 -0.98
N ASP A 95 -31.95 29.72 -1.63
CA ASP A 95 -31.97 29.61 -3.09
C ASP A 95 -33.33 29.15 -3.61
N PRO A 96 -33.85 29.86 -4.61
CA PRO A 96 -35.25 29.77 -4.98
C PRO A 96 -35.54 28.61 -5.92
N SER A 97 -34.56 28.20 -6.69
CA SER A 97 -34.76 27.20 -7.73
C SER A 97 -35.08 25.83 -7.12
N ARG A 98 -35.00 25.74 -5.79
CA ARG A 98 -35.05 24.44 -5.09
C ARG A 98 -36.42 24.17 -4.50
N ASP A 99 -36.83 22.91 -4.43
CA ASP A 99 -38.19 22.58 -3.94
C ASP A 99 -38.26 22.19 -2.48
N GLN A 100 -39.07 22.89 -1.69
CA GLN A 100 -39.23 22.52 -0.28
C GLN A 100 -40.07 21.27 -0.16
N ARG A 101 -40.58 20.81 -1.31
CA ARG A 101 -41.28 19.54 -1.37
C ARG A 101 -40.42 18.44 -0.77
N THR A 102 -39.10 18.50 -0.92
CA THR A 102 -38.26 17.41 -0.39
C THR A 102 -37.18 17.82 0.62
N ILE A 103 -36.87 16.92 1.56
CA ILE A 103 -35.76 17.09 2.47
C ILE A 103 -34.90 15.83 2.58
N CYS A 104 -33.60 16.05 2.47
CA CYS A 104 -32.60 15.02 2.58
C CYS A 104 -31.92 15.18 3.92
N VAL A 105 -32.06 14.17 4.75
CA VAL A 105 -31.48 14.21 6.10
C VAL A 105 -30.19 13.46 6.07
N VAL A 106 -29.16 14.07 6.61
CA VAL A 106 -27.80 13.68 6.33
C VAL A 106 -26.95 14.00 7.55
N GLU A 107 -25.97 13.16 7.82
CA GLU A 107 -25.30 13.14 9.13
C GLU A 107 -24.48 14.37 9.45
N GLU A 108 -23.80 14.88 8.43
CA GLU A 108 -22.80 15.93 8.55
C GLU A 108 -22.75 16.85 7.29
N PRO A 109 -22.23 18.09 7.43
CA PRO A 109 -22.13 19.08 6.35
C PRO A 109 -21.38 18.58 5.13
N GLY A 110 -20.27 17.91 5.37
CA GLY A 110 -19.54 17.35 4.26
C GLY A 110 -20.43 16.50 3.39
N ASP A 111 -21.45 15.92 4.01
CA ASP A 111 -22.37 15.00 3.37
C ASP A 111 -23.26 15.74 2.36
N VAL A 112 -23.67 16.95 2.76
CA VAL A 112 -24.36 17.89 1.86
C VAL A 112 -23.46 18.18 0.67
N ILE A 113 -22.26 18.71 0.92
CA ILE A 113 -21.30 18.95 -0.16
C ILE A 113 -21.23 17.77 -1.10
N ALA A 114 -21.14 16.57 -0.55
CA ALA A 114 -20.93 15.37 -1.35
C ALA A 114 -22.12 15.06 -2.26
N LEU A 115 -23.33 15.21 -1.71
CA LEU A 115 -24.55 14.95 -2.45
C LEU A 115 -24.78 16.00 -3.50
N GLU A 116 -24.42 17.23 -3.17
CA GLU A 116 -24.58 18.33 -4.07
C GLU A 116 -23.65 18.20 -5.28
N ARG A 117 -22.41 17.82 -5.05
CA ARG A 117 -21.49 17.57 -6.18
C ARG A 117 -22.14 16.68 -7.20
N SER A 118 -22.81 15.64 -6.72
CA SER A 118 -23.46 14.68 -7.61
C SER A 118 -24.41 15.36 -8.60
N GLY A 119 -24.81 16.60 -8.29
CA GLY A 119 -25.62 17.41 -9.20
C GLY A 119 -26.98 16.78 -9.45
N GLU A 120 -27.22 15.66 -8.79
CA GLU A 120 -28.40 14.84 -9.03
C GLU A 120 -29.57 15.21 -8.12
N TYR A 121 -29.42 16.24 -7.29
CA TYR A 121 -30.42 16.51 -6.25
C TYR A 121 -30.76 17.99 -6.14
N ARG A 122 -32.03 18.31 -6.34
CA ARG A 122 -32.52 19.68 -6.30
C ARG A 122 -33.24 20.08 -5.01
N GLY A 123 -33.41 19.16 -4.06
CA GLY A 123 -34.16 19.44 -2.82
C GLY A 123 -33.50 20.26 -1.71
N LEU A 124 -34.04 20.19 -0.51
CA LEU A 124 -33.45 20.86 0.62
C LEU A 124 -32.70 19.85 1.46
N TYR A 125 -32.05 20.29 2.54
CA TYR A 125 -31.31 19.37 3.37
C TYR A 125 -31.66 19.51 4.83
N HIS A 126 -31.29 18.51 5.61
CA HIS A 126 -31.23 18.63 7.07
C HIS A 126 -29.99 17.96 7.60
N VAL A 127 -29.18 18.67 8.39
CA VAL A 127 -27.92 18.10 8.87
C VAL A 127 -28.00 17.85 10.36
N LEU A 128 -28.13 16.58 10.75
CA LEU A 128 -28.22 16.20 12.13
C LEU A 128 -26.93 16.52 12.88
N HIS A 129 -25.81 16.39 12.19
CA HIS A 129 -24.51 16.62 12.79
C HIS A 129 -24.12 15.49 13.69
N GLY A 130 -24.26 14.27 13.18
CA GLY A 130 -23.86 13.07 13.93
C GLY A 130 -24.92 12.02 13.90
N VAL A 131 -24.59 10.79 14.30
CA VAL A 131 -25.57 9.71 14.35
C VAL A 131 -25.91 9.38 15.79
N LEU A 132 -26.83 8.44 15.95
CA LEU A 132 -27.14 7.95 17.27
C LEU A 132 -26.08 6.94 17.70
N SER A 133 -25.41 7.28 18.78
CA SER A 133 -24.61 6.32 19.51
C SER A 133 -25.01 6.36 20.97
N PRO A 134 -25.85 5.39 21.35
CA PRO A 134 -26.05 5.22 22.75
C PRO A 134 -24.71 4.99 23.46
N MET A 135 -23.90 4.06 22.98
CA MET A 135 -22.64 3.73 23.63
C MET A 135 -21.77 4.93 23.95
N ASN A 136 -21.73 5.87 23.03
CA ASN A 136 -20.94 7.05 23.21
C ASN A 136 -21.73 8.18 23.84
N GLY A 137 -22.94 7.85 24.26
CA GLY A 137 -23.73 8.72 25.10
C GLY A 137 -24.56 9.71 24.30
N VAL A 138 -24.86 9.34 23.06
CA VAL A 138 -25.48 10.26 22.12
C VAL A 138 -26.91 9.87 21.83
N GLY A 139 -27.83 10.57 22.50
CA GLY A 139 -29.24 10.50 22.22
C GLY A 139 -29.64 11.58 21.24
N PRO A 140 -30.88 11.49 20.74
CA PRO A 140 -31.40 12.51 19.85
C PRO A 140 -31.72 13.81 20.56
N ASP A 141 -31.19 13.97 21.77
CA ASP A 141 -31.04 15.30 22.37
C ASP A 141 -29.75 15.99 21.93
N LYS A 142 -28.88 15.22 21.26
CA LYS A 142 -27.60 15.76 20.83
C LYS A 142 -27.62 16.11 19.34
N LEU A 143 -28.11 15.17 18.54
CA LEU A 143 -28.46 15.47 17.17
C LEU A 143 -29.55 16.54 17.06
N HIS A 144 -29.63 17.18 15.89
CA HIS A 144 -30.57 18.26 15.61
C HIS A 144 -31.92 17.77 15.16
N ILE A 145 -32.24 16.53 15.54
CA ILE A 145 -33.53 15.90 15.34
C ILE A 145 -34.81 16.72 15.67
N LYS A 146 -34.81 17.43 16.80
CA LYS A 146 -36.04 18.13 17.20
C LYS A 146 -36.62 19.12 16.18
N PRO A 147 -35.79 20.04 15.63
CA PRO A 147 -36.27 21.08 14.68
C PRO A 147 -36.52 20.61 13.24
N LEU A 148 -36.09 19.39 12.90
CA LEU A 148 -36.53 18.78 11.68
C LEU A 148 -38.06 18.63 11.62
N LEU A 149 -38.68 18.48 12.78
CA LEU A 149 -40.06 18.04 12.82
C LEU A 149 -41.00 19.05 12.20
N PRO A 150 -40.96 20.31 12.65
CA PRO A 150 -41.86 21.34 12.11
C PRO A 150 -41.72 21.54 10.60
N ARG A 151 -40.61 21.08 10.03
CA ARG A 151 -40.31 21.22 8.61
C ARG A 151 -41.02 20.15 7.77
N VAL A 152 -41.19 18.96 8.32
CA VAL A 152 -41.98 17.94 7.65
C VAL A 152 -43.48 18.14 7.89
N GLY A 153 -44.25 17.78 6.89
CA GLY A 153 -45.70 17.85 6.94
C GLY A 153 -46.31 17.00 5.85
N GLN A 154 -47.60 17.18 5.63
CA GLN A 154 -48.36 16.45 4.62
C GLN A 154 -47.83 16.76 3.22
N GLY A 155 -47.60 15.71 2.43
CA GLY A 155 -47.21 15.86 1.02
C GLY A 155 -45.81 16.37 0.72
N MET A 156 -44.81 15.74 1.34
CA MET A 156 -43.39 16.02 1.11
C MET A 156 -42.67 14.71 1.07
N GLU A 157 -41.43 14.71 0.61
CA GLU A 157 -40.65 13.50 0.79
C GLU A 157 -39.53 13.79 1.76
N VAL A 158 -39.24 12.81 2.59
CA VAL A 158 -38.04 12.86 3.36
C VAL A 158 -37.19 11.69 2.95
N ILE A 159 -36.05 12.00 2.34
CA ILE A 159 -35.09 11.02 1.99
C ILE A 159 -34.15 10.95 3.17
N LEU A 160 -33.91 9.72 3.62
CA LEU A 160 -33.08 9.48 4.78
C LEU A 160 -31.69 9.08 4.32
N ALA A 161 -30.78 10.04 4.47
CA ALA A 161 -29.42 10.00 3.93
C ALA A 161 -28.28 9.67 4.91
N THR A 162 -28.59 9.09 6.06
CA THR A 162 -27.55 8.67 6.98
C THR A 162 -26.69 7.58 6.34
N GLY A 163 -25.47 7.40 6.86
CA GLY A 163 -24.54 6.41 6.31
C GLY A 163 -25.06 5.00 6.41
N THR A 164 -24.37 4.07 5.75
CA THR A 164 -24.72 2.65 5.84
C THR A 164 -24.14 1.98 7.07
N THR A 165 -23.45 2.75 7.89
CA THR A 165 -22.99 2.30 9.19
C THR A 165 -24.15 1.93 10.11
N VAL A 166 -23.93 0.98 10.99
CA VAL A 166 -24.97 0.50 11.91
C VAL A 166 -25.65 1.66 12.62
N GLU A 167 -24.86 2.56 13.20
CA GLU A 167 -25.41 3.72 13.87
C GLU A 167 -26.10 4.70 12.90
N GLY A 168 -25.65 4.71 11.66
CA GLY A 168 -26.34 5.40 10.59
C GLY A 168 -27.69 4.74 10.32
N ASP A 169 -27.66 3.45 10.05
CA ASP A 169 -28.88 2.67 9.79
C ASP A 169 -29.92 2.89 10.87
N ALA A 170 -29.46 2.61 12.07
CA ALA A 170 -30.15 2.87 13.32
C ALA A 170 -30.80 4.25 13.34
N THR A 171 -29.97 5.28 13.09
CA THR A 171 -30.47 6.63 13.05
C THR A 171 -31.60 6.81 12.02
N ALA A 172 -31.41 6.19 10.86
CA ALA A 172 -32.42 6.25 9.82
C ALA A 172 -33.73 5.69 10.32
N LEU A 173 -33.68 4.46 10.84
CA LEU A 173 -34.81 3.79 11.48
C LEU A 173 -35.54 4.66 12.50
N TYR A 174 -34.83 5.06 13.54
CA TYR A 174 -35.40 5.95 14.54
C TYR A 174 -36.10 7.10 13.88
N LEU A 175 -35.54 7.63 12.81
CA LEU A 175 -36.14 8.82 12.21
C LEU A 175 -37.40 8.46 11.44
N GLN A 176 -37.43 7.29 10.83
CA GLN A 176 -38.64 6.81 10.18
C GLN A 176 -39.76 6.69 11.20
N ARG A 177 -39.52 5.98 12.29
CA ARG A 177 -40.52 5.90 13.30
C ARG A 177 -40.92 7.27 13.84
N LEU A 178 -39.96 8.17 14.10
CA LEU A 178 -40.31 9.46 14.67
C LEU A 178 -41.21 10.20 13.73
N LEU A 179 -40.90 10.09 12.46
CA LEU A 179 -41.52 10.95 11.45
C LEU A 179 -42.85 10.43 10.94
N GLU A 180 -43.09 9.15 11.13
CA GLU A 180 -44.33 8.48 10.70
C GLU A 180 -45.63 9.30 10.94
N PRO A 181 -45.84 9.75 12.19
CA PRO A 181 -47.06 10.47 12.52
C PRO A 181 -47.37 11.63 11.60
N LEU A 182 -46.39 12.48 11.28
CA LEU A 182 -46.66 13.58 10.35
C LEU A 182 -46.77 13.07 8.93
N GLY A 183 -47.12 13.94 7.99
CA GLY A 183 -47.65 13.44 6.75
C GLY A 183 -46.75 12.69 5.78
N ALA A 184 -45.50 13.11 5.68
CA ALA A 184 -44.72 12.93 4.47
C ALA A 184 -44.40 11.48 4.08
N ALA A 185 -43.97 11.33 2.82
CA ALA A 185 -43.37 10.08 2.35
C ALA A 185 -41.96 9.93 2.92
N ILE A 186 -41.49 8.69 3.03
CA ILE A 186 -40.19 8.47 3.65
C ILE A 186 -39.43 7.45 2.83
N SER A 187 -38.17 7.76 2.54
CA SER A 187 -37.37 6.96 1.68
C SER A 187 -35.97 6.76 2.24
N ARG A 188 -35.30 5.71 1.79
CA ARG A 188 -33.95 5.42 2.22
C ARG A 188 -33.06 5.24 1.01
N ILE A 189 -32.00 6.05 0.90
CA ILE A 189 -31.06 5.91 -0.22
C ILE A 189 -30.61 4.47 -0.38
N ALA A 190 -30.61 4.00 -1.62
CA ALA A 190 -30.35 2.61 -1.92
C ALA A 190 -29.05 2.09 -1.30
N TYR A 191 -29.16 0.96 -0.62
CA TYR A 191 -28.00 0.16 -0.23
C TYR A 191 -27.70 -0.77 -1.39
N GLY A 192 -26.43 -0.97 -1.68
CA GLY A 192 -26.06 -1.91 -2.72
C GLY A 192 -24.61 -1.75 -3.09
N VAL A 193 -24.29 -2.12 -4.32
CA VAL A 193 -22.94 -2.00 -4.87
C VAL A 193 -22.73 -0.68 -5.63
N PRO A 194 -21.52 -0.05 -5.45
CA PRO A 194 -21.15 1.23 -6.05
C PRO A 194 -20.80 1.05 -7.51
N VAL A 195 -20.41 2.14 -8.18
CA VAL A 195 -20.16 2.05 -9.62
C VAL A 195 -18.81 1.43 -9.94
N GLY A 196 -18.79 0.68 -11.04
CA GLY A 196 -17.57 0.11 -11.54
C GLY A 196 -16.94 -0.88 -10.59
N GLY A 197 -17.77 -1.51 -9.77
CA GLY A 197 -17.36 -2.55 -8.84
C GLY A 197 -17.46 -3.91 -9.52
N SER A 198 -16.75 -4.91 -9.02
CA SER A 198 -17.02 -6.27 -9.44
C SER A 198 -17.56 -7.02 -8.26
N LEU A 199 -18.54 -7.90 -8.51
CA LEU A 199 -19.04 -8.76 -7.46
C LEU A 199 -17.90 -9.49 -6.76
N GLU A 200 -16.99 -10.07 -7.56
CA GLU A 200 -15.89 -10.85 -7.00
C GLU A 200 -15.26 -10.17 -5.81
N TYR A 201 -15.21 -8.84 -5.84
CA TYR A 201 -14.33 -8.09 -4.95
C TYR A 201 -15.12 -7.18 -4.01
N THR A 202 -16.36 -7.55 -3.74
CA THR A 202 -17.24 -6.78 -2.85
C THR A 202 -17.64 -7.61 -1.64
N ASP A 203 -17.86 -6.94 -0.50
CA ASP A 203 -18.05 -7.64 0.78
C ASP A 203 -19.41 -8.32 0.93
N GLU A 204 -19.40 -9.49 1.54
CA GLU A 204 -20.56 -10.37 1.57
C GLU A 204 -21.82 -9.63 1.97
N VAL A 205 -21.65 -8.69 2.88
CA VAL A 205 -22.76 -7.93 3.43
C VAL A 205 -23.41 -7.10 2.33
N THR A 206 -22.59 -6.22 1.74
CA THR A 206 -23.02 -5.39 0.64
C THR A 206 -23.66 -6.24 -0.45
N LEU A 207 -22.98 -7.31 -0.86
CA LEU A 207 -23.53 -8.22 -1.86
C LEU A 207 -24.91 -8.63 -1.46
N GLY A 208 -25.06 -9.16 -0.25
CA GLY A 208 -26.36 -9.59 0.22
C GLY A 208 -27.42 -8.52 0.03
N ARG A 209 -27.11 -7.31 0.50
CA ARG A 209 -28.05 -6.20 0.41
C ARG A 209 -28.46 -5.95 -1.03
N ALA A 210 -27.48 -5.77 -1.91
CA ALA A 210 -27.74 -5.60 -3.34
C ALA A 210 -28.64 -6.69 -3.88
N LEU A 211 -28.33 -7.94 -3.54
CA LEU A 211 -29.08 -9.08 -4.01
C LEU A 211 -30.55 -9.08 -3.57
N THR A 212 -30.78 -8.97 -2.28
CA THR A 212 -32.15 -8.82 -1.81
C THR A 212 -32.74 -7.55 -2.44
N GLY A 213 -32.05 -6.43 -2.30
CA GLY A 213 -32.60 -5.14 -2.67
C GLY A 213 -32.77 -4.88 -4.16
N ARG A 214 -32.59 -5.92 -4.98
CA ARG A 214 -32.64 -5.78 -6.44
C ARG A 214 -33.92 -5.15 -6.92
N GLN A 215 -33.82 -4.25 -7.89
CA GLN A 215 -35.01 -3.75 -8.58
C GLN A 215 -35.36 -4.72 -9.70
N THR A 216 -36.65 -4.91 -9.90
CA THR A 216 -37.14 -5.72 -10.99
C THR A 216 -37.54 -4.74 -12.07
N VAL A 217 -37.40 -5.18 -13.31
CA VAL A 217 -37.75 -4.35 -14.45
C VAL A 217 -38.83 -4.94 -15.35
N SER A 218 -38.59 -6.12 -15.93
CA SER A 218 -39.61 -6.73 -16.81
C SER A 218 -40.54 -7.70 -16.07
N LYS B 23 -19.57 27.24 -3.71
CA LYS B 23 -20.64 28.01 -3.05
C LYS B 23 -20.33 28.23 -1.56
N TYR B 24 -19.04 28.24 -1.22
CA TYR B 24 -18.62 28.24 0.16
C TYR B 24 -18.58 29.61 0.81
N PRO B 25 -19.08 29.70 2.04
CA PRO B 25 -18.85 30.88 2.87
C PRO B 25 -17.41 31.39 2.67
N PRO B 26 -17.27 32.72 2.55
CA PRO B 26 -15.95 33.32 2.35
C PRO B 26 -14.95 32.87 3.43
N SER B 27 -15.29 33.11 4.70
CA SER B 27 -14.46 32.69 5.83
C SER B 27 -13.95 31.25 5.66
N LEU B 28 -14.87 30.36 5.28
CA LEU B 28 -14.54 28.97 5.09
C LEU B 28 -13.44 28.86 4.07
N VAL B 29 -13.60 29.54 2.93
CA VAL B 29 -12.61 29.38 1.89
C VAL B 29 -11.21 29.85 2.31
N SER B 30 -11.11 31.02 2.94
CA SER B 30 -9.89 31.43 3.66
C SER B 30 -9.34 30.31 4.52
N LEU B 31 -10.07 29.92 5.57
CA LEU B 31 -9.56 28.91 6.49
C LEU B 31 -9.01 27.72 5.72
N ILE B 32 -9.77 27.24 4.73
CA ILE B 32 -9.38 26.06 3.95
C ILE B 32 -8.07 26.30 3.22
N ARG B 33 -7.90 27.49 2.69
CA ARG B 33 -6.72 27.79 1.90
C ARG B 33 -5.53 27.77 2.81
N GLU B 34 -5.57 28.60 3.83
CA GLU B 34 -4.53 28.60 4.85
C GLU B 34 -4.18 27.18 5.29
N LEU B 35 -5.19 26.36 5.51
CA LEU B 35 -4.95 24.97 5.92
C LEU B 35 -4.20 24.21 4.86
N SER B 36 -4.45 24.56 3.61
CA SER B 36 -3.92 23.81 2.49
C SER B 36 -2.48 24.18 2.24
N ARG B 37 -2.16 25.43 2.60
CA ARG B 37 -0.80 25.97 2.62
C ARG B 37 0.12 25.06 3.44
N LEU B 38 -0.31 24.65 4.62
CA LEU B 38 0.46 23.69 5.42
C LEU B 38 0.90 22.48 4.61
N PRO B 39 2.15 22.07 4.80
CA PRO B 39 2.73 20.91 4.11
C PRO B 39 2.07 19.65 4.62
N GLY B 40 1.64 18.78 3.71
CA GLY B 40 0.94 17.53 4.10
C GLY B 40 -0.58 17.60 3.92
N ILE B 41 -1.11 18.81 3.83
CA ILE B 41 -2.55 18.97 3.71
C ILE B 41 -2.96 19.08 2.25
N GLY B 42 -3.53 18.00 1.75
CA GLY B 42 -4.25 18.00 0.47
C GLY B 42 -5.48 18.88 0.60
N PRO B 43 -5.92 19.51 -0.50
CA PRO B 43 -7.07 20.41 -0.39
C PRO B 43 -8.28 19.66 0.20
N ALA B 44 -8.38 18.39 -0.16
CA ALA B 44 -9.40 17.53 0.40
C ALA B 44 -9.30 17.51 1.90
N SER B 45 -8.11 17.13 2.35
CA SER B 45 -7.77 17.08 3.77
C SER B 45 -8.06 18.40 4.47
N ALA B 46 -7.69 19.50 3.81
CA ALA B 46 -7.91 20.84 4.33
C ALA B 46 -9.40 21.15 4.58
N GLN B 47 -10.23 20.74 3.64
CA GLN B 47 -11.68 20.84 3.81
C GLN B 47 -12.16 20.01 5.00
N ALA B 48 -11.89 18.71 4.97
CA ALA B 48 -12.31 17.83 6.04
C ALA B 48 -11.93 18.47 7.38
N LEU B 49 -10.75 19.06 7.36
CA LEU B 49 -10.10 19.59 8.53
C LEU B 49 -10.79 20.83 9.03
N ALA B 50 -11.34 21.60 8.09
CA ALA B 50 -12.02 22.86 8.42
C ALA B 50 -13.36 22.56 8.98
N PHE B 51 -14.09 21.69 8.28
CA PHE B 51 -15.36 21.16 8.74
C PHE B 51 -15.30 20.70 10.18
N HIS B 52 -14.37 19.80 10.47
CA HIS B 52 -14.13 19.39 11.84
C HIS B 52 -13.72 20.54 12.71
N LEU B 53 -12.97 21.47 12.17
CA LEU B 53 -12.52 22.53 13.01
C LEU B 53 -13.76 23.28 13.53
N PHE B 54 -14.80 23.27 12.71
CA PHE B 54 -16.06 23.95 13.00
C PHE B 54 -16.78 23.36 14.18
N GLU B 55 -16.88 22.04 14.21
CA GLU B 55 -17.69 21.34 15.21
C GLU B 55 -17.10 21.50 16.61
N GLN B 56 -15.90 22.05 16.70
CA GLN B 56 -15.20 22.21 17.97
C GLN B 56 -15.57 23.53 18.64
N PRO B 57 -15.41 23.58 19.98
CA PRO B 57 -15.81 24.76 20.76
C PRO B 57 -14.84 25.92 20.57
N ARG B 58 -15.22 27.10 21.06
CA ARG B 58 -14.43 28.32 20.86
C ARG B 58 -13.18 28.30 21.71
N GLU B 59 -13.24 27.66 22.87
CA GLU B 59 -12.05 27.36 23.64
C GLU B 59 -11.07 26.73 22.67
N ASP B 60 -11.44 25.57 22.13
CA ASP B 60 -10.53 24.77 21.32
C ASP B 60 -9.73 25.60 20.30
N ILE B 61 -10.46 26.45 19.62
CA ILE B 61 -9.91 27.27 18.57
C ILE B 61 -9.07 28.38 19.17
N GLU B 62 -9.69 29.29 19.91
CA GLU B 62 -8.97 30.45 20.42
C GLU B 62 -7.64 29.99 21.00
N ARG B 63 -7.64 28.79 21.58
CA ARG B 63 -6.43 28.21 22.11
C ARG B 63 -5.45 27.78 21.02
N LEU B 64 -5.90 27.02 20.04
CA LEU B 64 -5.00 26.66 18.94
C LEU B 64 -4.33 27.93 18.37
N ALA B 65 -5.15 28.88 17.94
CA ALA B 65 -4.67 30.10 17.32
C ALA B 65 -3.73 30.84 18.26
N SER B 66 -4.10 30.87 19.54
CA SER B 66 -3.24 31.47 20.54
C SER B 66 -1.85 30.81 20.59
N ALA B 67 -1.83 29.48 20.70
CA ALA B 67 -0.58 28.72 20.66
C ALA B 67 0.31 29.09 19.48
N LEU B 68 -0.29 29.24 18.29
CA LEU B 68 0.42 29.64 17.07
C LEU B 68 1.04 30.99 17.27
N LEU B 69 0.22 31.97 17.59
CA LEU B 69 0.74 33.32 17.72
C LEU B 69 1.84 33.39 18.75
N GLU B 70 1.66 32.69 19.86
CA GLU B 70 2.64 32.68 20.93
C GLU B 70 3.94 31.96 20.51
N ALA B 71 3.84 30.98 19.61
CA ALA B 71 5.05 30.42 19.03
C ALA B 71 5.74 31.44 18.12
N LYS B 72 4.99 32.05 17.20
CA LYS B 72 5.54 33.08 16.32
C LYS B 72 6.30 34.12 17.13
N ARG B 73 5.73 34.54 18.26
CA ARG B 73 6.30 35.62 19.02
C ARG B 73 7.44 35.21 19.91
N ASP B 74 7.29 34.08 20.60
CA ASP B 74 8.23 33.69 21.65
C ASP B 74 9.53 33.14 21.09
N LEU B 75 9.45 31.98 20.45
CA LEU B 75 10.64 31.18 20.16
C LEU B 75 11.29 31.59 18.85
N HIS B 76 12.62 31.60 18.84
CA HIS B 76 13.39 32.09 17.70
C HIS B 76 14.62 31.26 17.47
N VAL B 77 15.55 31.81 16.70
CA VAL B 77 16.73 31.06 16.27
C VAL B 77 17.96 31.48 17.05
N CYS B 78 18.66 30.50 17.61
CA CYS B 78 19.83 30.76 18.43
C CYS B 78 20.94 31.40 17.63
N PRO B 79 21.68 32.33 18.24
CA PRO B 79 22.68 33.12 17.53
C PRO B 79 23.92 32.30 17.19
N ILE B 80 24.16 31.23 17.98
CA ILE B 80 25.41 30.49 17.84
C ILE B 80 25.27 29.43 16.76
N CYS B 81 24.59 28.33 17.08
CA CYS B 81 23.93 27.49 16.07
C CYS B 81 22.48 27.91 15.93
N PHE B 82 22.03 28.05 14.68
CA PHE B 82 20.73 28.67 14.41
C PHE B 82 19.59 27.71 14.70
N ASN B 83 19.71 26.97 15.81
CA ASN B 83 18.63 26.11 16.28
C ASN B 83 17.63 26.87 17.15
N ILE B 84 16.43 26.35 17.26
CA ILE B 84 15.31 27.07 17.87
C ILE B 84 15.49 27.21 19.37
N THR B 85 15.06 28.34 19.92
CA THR B 85 14.89 28.49 21.36
C THR B 85 14.11 29.75 21.71
N ASP B 86 13.52 29.76 22.90
CA ASP B 86 12.93 30.98 23.45
C ASP B 86 13.99 31.81 24.17
N ALA B 87 15.19 31.25 24.30
CA ALA B 87 16.22 31.82 25.16
C ALA B 87 17.26 32.59 24.36
N GLU B 88 18.28 33.08 25.05
CA GLU B 88 19.36 33.82 24.39
C GLU B 88 20.41 32.89 23.81
N LYS B 89 20.46 31.66 24.33
CA LYS B 89 21.23 30.57 23.72
C LYS B 89 20.46 29.27 23.80
N CYS B 90 20.42 28.52 22.70
CA CYS B 90 19.83 27.18 22.68
C CYS B 90 20.38 26.32 23.82
N ASP B 91 19.51 25.55 24.45
CA ASP B 91 19.89 24.72 25.59
C ASP B 91 21.19 23.98 25.29
N VAL B 92 21.40 23.61 24.03
CA VAL B 92 22.54 22.77 23.66
C VAL B 92 23.85 23.54 23.72
N CYS B 93 23.82 24.78 23.27
CA CYS B 93 24.98 25.66 23.36
C CYS B 93 25.27 26.05 24.82
N ALA B 94 24.25 26.53 25.52
CA ALA B 94 24.39 26.92 26.91
C ALA B 94 24.93 25.78 27.78
N ASP B 95 24.53 24.55 27.45
CA ASP B 95 24.75 23.40 28.32
C ASP B 95 26.24 23.05 28.42
N PRO B 96 26.70 22.85 29.65
CA PRO B 96 28.12 22.85 29.97
C PRO B 96 28.80 21.52 29.75
N SER B 97 28.02 20.45 29.78
CA SER B 97 28.57 19.10 29.67
C SER B 97 29.12 18.83 28.26
N ARG B 98 28.91 19.79 27.35
CA ARG B 98 29.16 19.56 25.92
C ARG B 98 30.46 20.16 25.43
N ASP B 99 31.11 19.56 24.44
CA ASP B 99 32.43 20.06 23.99
C ASP B 99 32.39 20.95 22.76
N GLN B 100 32.92 22.17 22.89
CA GLN B 100 33.05 23.08 21.73
C GLN B 100 34.15 22.64 20.80
N ARG B 101 34.89 21.61 21.20
CA ARG B 101 35.83 20.97 20.30
C ARG B 101 35.18 20.57 18.95
N THR B 102 33.91 20.14 18.98
CA THR B 102 33.30 19.79 17.68
C THR B 102 31.96 20.45 17.29
N ILE B 103 31.77 20.62 15.98
CA ILE B 103 30.52 21.15 15.45
C ILE B 103 29.92 20.31 14.35
N CYS B 104 28.62 20.02 14.48
CA CYS B 104 27.88 19.21 13.55
C CYS B 104 26.98 20.12 12.76
N VAL B 105 27.22 20.15 11.46
CA VAL B 105 26.49 21.06 10.58
C VAL B 105 25.41 20.25 9.95
N VAL B 106 24.22 20.80 10.00
CA VAL B 106 23.05 20.05 9.69
C VAL B 106 22.02 21.00 9.09
N GLU B 107 21.22 20.47 8.17
CA GLU B 107 20.38 21.26 7.25
C GLU B 107 19.23 21.96 7.95
N GLU B 108 18.65 21.31 8.95
CA GLU B 108 17.41 21.76 9.61
C GLU B 108 17.29 21.33 11.07
N PRO B 109 16.51 22.09 11.87
CA PRO B 109 16.37 21.84 13.32
C PRO B 109 15.91 20.42 13.68
N GLY B 110 14.96 19.93 12.92
CA GLY B 110 14.51 18.57 13.12
C GLY B 110 15.69 17.62 13.09
N ASP B 111 16.73 18.02 12.33
CA ASP B 111 17.92 17.20 12.13
C ASP B 111 18.77 17.11 13.40
N VAL B 112 18.82 18.24 14.11
CA VAL B 112 19.41 18.29 15.46
C VAL B 112 18.64 17.34 16.34
N ILE B 113 17.33 17.52 16.46
CA ILE B 113 16.53 16.61 17.31
C ILE B 113 16.90 15.18 16.99
N ALA B 114 17.02 14.86 15.70
CA ALA B 114 17.14 13.47 15.30
C ALA B 114 18.48 12.91 15.69
N LEU B 115 19.51 13.73 15.55
CA LEU B 115 20.87 13.30 15.93
C LEU B 115 20.99 13.20 17.45
N GLU B 116 20.30 14.08 18.14
CA GLU B 116 20.32 14.08 19.57
C GLU B 116 19.62 12.84 20.15
N ARG B 117 18.49 12.46 19.57
CA ARG B 117 17.80 11.26 20.02
C ARG B 117 18.81 10.13 20.03
N SER B 118 19.63 10.05 18.98
CA SER B 118 20.62 8.97 18.88
C SER B 118 21.50 8.86 20.11
N GLY B 119 21.54 9.92 20.92
CA GLY B 119 22.23 9.89 22.20
C GLY B 119 23.73 9.66 22.03
N GLU B 120 24.15 9.51 20.79
CA GLU B 120 25.49 9.12 20.46
C GLU B 120 26.44 10.30 20.21
N TYR B 121 25.93 11.53 20.33
CA TYR B 121 26.73 12.72 20.01
C TYR B 121 26.66 13.81 21.10
N ARG B 122 27.84 14.15 21.64
CA ARG B 122 27.97 15.14 22.70
C ARG B 122 28.43 16.54 22.27
N GLY B 123 28.64 16.78 20.98
CA GLY B 123 29.20 18.05 20.51
C GLY B 123 28.24 19.25 20.41
N LEU B 124 28.60 20.25 19.60
CA LEU B 124 27.72 21.39 19.32
C LEU B 124 27.10 21.29 17.95
N TYR B 125 26.18 22.20 17.62
CA TYR B 125 25.55 22.13 16.31
C TYR B 125 25.66 23.41 15.53
N HIS B 126 25.43 23.31 14.23
CA HIS B 126 25.17 24.47 13.37
C HIS B 126 24.07 24.10 12.44
N VAL B 127 23.01 24.92 12.40
CA VAL B 127 21.88 24.67 11.52
C VAL B 127 21.72 25.79 10.51
N LEU B 128 21.88 25.41 9.23
CA LEU B 128 21.71 26.27 8.05
C LEU B 128 20.27 26.69 7.69
N HIS B 129 19.35 25.75 7.75
CA HIS B 129 17.97 25.98 7.36
C HIS B 129 17.82 25.83 5.87
N GLY B 130 18.89 25.45 5.19
CA GLY B 130 18.81 25.14 3.77
C GLY B 130 19.89 24.28 3.17
N VAL B 131 19.65 23.75 1.99
CA VAL B 131 20.67 23.05 1.20
C VAL B 131 20.82 23.79 -0.14
N LEU B 132 22.06 24.08 -0.52
CA LEU B 132 22.29 24.86 -1.70
C LEU B 132 21.44 24.32 -2.85
N SER B 133 20.55 25.16 -3.34
CA SER B 133 19.91 24.91 -4.59
C SER B 133 20.03 26.14 -5.48
N PRO B 134 20.98 26.11 -6.41
CA PRO B 134 20.91 27.11 -7.45
C PRO B 134 19.54 27.10 -8.12
N MET B 135 19.04 25.96 -8.58
CA MET B 135 17.82 25.99 -9.40
C MET B 135 16.68 26.67 -8.69
N ASN B 136 16.65 26.56 -7.37
CA ASN B 136 15.56 27.15 -6.58
C ASN B 136 15.95 28.52 -6.06
N GLY B 137 17.11 28.97 -6.51
CA GLY B 137 17.54 30.33 -6.25
C GLY B 137 18.27 30.47 -4.94
N VAL B 138 18.86 29.38 -4.47
CA VAL B 138 19.42 29.32 -3.12
C VAL B 138 20.95 29.25 -3.14
N GLY B 139 21.57 30.41 -2.94
CA GLY B 139 23.01 30.47 -2.67
C GLY B 139 23.29 30.59 -1.18
N PRO B 140 24.57 30.54 -0.80
CA PRO B 140 24.95 30.60 0.61
C PRO B 140 24.88 32.00 1.20
N ASP B 141 24.24 32.90 0.48
CA ASP B 141 23.71 34.11 1.05
C ASP B 141 22.37 33.86 1.72
N LYS B 142 21.91 32.61 1.66
CA LYS B 142 20.54 32.26 2.07
C LYS B 142 20.64 31.36 3.29
N LEU B 143 21.40 30.26 3.15
CA LEU B 143 21.83 29.47 4.32
C LEU B 143 22.67 30.29 5.29
N HIS B 144 22.76 29.80 6.52
CA HIS B 144 23.44 30.48 7.60
C HIS B 144 24.94 30.22 7.61
N ILE B 145 25.46 29.86 6.44
CA ILE B 145 26.88 29.61 6.21
C ILE B 145 27.86 30.70 6.69
N LYS B 146 27.55 31.97 6.51
CA LYS B 146 28.52 33.03 6.92
C LYS B 146 29.04 33.05 8.38
N PRO B 147 28.14 32.97 9.37
CA PRO B 147 28.51 32.95 10.79
C PRO B 147 29.10 31.62 11.31
N LEU B 148 28.94 30.53 10.58
CA LEU B 148 29.66 29.31 10.87
C LEU B 148 31.17 29.53 10.94
N LEU B 149 31.67 30.46 10.12
CA LEU B 149 33.09 30.57 9.84
C LEU B 149 33.91 30.93 11.06
N PRO B 150 33.58 32.03 11.73
CA PRO B 150 34.27 32.43 12.98
C PRO B 150 34.22 31.39 14.08
N ARG B 151 33.36 30.39 13.96
CA ARG B 151 33.19 29.34 14.96
C ARG B 151 34.23 28.26 14.78
N VAL B 152 34.59 28.00 13.55
CA VAL B 152 35.66 27.05 13.31
C VAL B 152 37.00 27.71 13.49
N GLY B 153 37.96 26.91 13.94
CA GLY B 153 39.33 27.38 14.04
C GLY B 153 40.25 26.20 14.19
N GLN B 154 41.47 26.49 14.61
CA GLN B 154 42.51 25.49 14.77
C GLN B 154 42.10 24.45 15.84
N GLY B 155 42.28 23.18 15.50
CA GLY B 155 42.09 22.08 16.46
C GLY B 155 40.67 21.81 16.91
N MET B 156 39.77 21.62 15.94
CA MET B 156 38.36 21.29 16.19
C MET B 156 37.93 20.27 15.15
N GLU B 157 36.79 19.62 15.32
CA GLU B 157 36.27 18.90 14.19
C GLU B 157 35.00 19.54 13.67
N VAL B 158 34.82 19.50 12.37
CA VAL B 158 33.53 19.80 11.81
C VAL B 158 32.99 18.56 11.11
N ILE B 159 31.93 18.01 11.67
CA ILE B 159 31.26 16.90 11.06
C ILE B 159 30.20 17.52 10.17
N LEU B 160 30.17 17.08 8.91
CA LEU B 160 29.25 17.57 7.90
C LEU B 160 28.07 16.63 7.77
N ALA B 161 26.95 17.11 8.31
CA ALA B 161 25.72 16.33 8.49
C ALA B 161 24.58 16.67 7.51
N THR B 162 24.87 17.25 6.36
CA THR B 162 23.81 17.46 5.36
C THR B 162 23.31 16.08 4.87
N GLY B 163 22.11 16.07 4.29
CA GLY B 163 21.47 14.88 3.74
C GLY B 163 22.22 14.28 2.57
N THR B 164 21.82 13.07 2.21
CA THR B 164 22.52 12.32 1.18
C THR B 164 21.98 12.72 -0.19
N THR B 165 21.06 13.67 -0.17
CA THR B 165 20.56 14.27 -1.38
C THR B 165 21.63 15.06 -2.11
N VAL B 166 21.51 15.09 -3.44
CA VAL B 166 22.52 15.70 -4.30
C VAL B 166 22.92 17.10 -3.81
N GLU B 167 21.91 17.91 -3.56
CA GLU B 167 22.11 19.28 -3.09
C GLU B 167 22.61 19.31 -1.63
N GLY B 168 22.31 18.26 -0.87
CA GLY B 168 22.95 18.06 0.43
C GLY B 168 24.43 17.78 0.26
N ASP B 169 24.73 16.76 -0.53
CA ASP B 169 26.10 16.32 -0.77
C ASP B 169 26.92 17.52 -1.25
N ALA B 170 26.40 18.18 -2.25
CA ALA B 170 26.89 19.42 -2.79
C ALA B 170 27.16 20.44 -1.73
N THR B 171 26.18 20.70 -0.89
CA THR B 171 26.38 21.64 0.18
C THR B 171 27.55 21.21 1.09
N ALA B 172 27.65 19.90 1.32
CA ALA B 172 28.72 19.36 2.15
C ALA B 172 30.07 19.74 1.57
N LEU B 173 30.21 19.42 0.29
CA LEU B 173 31.39 19.73 -0.51
C LEU B 173 31.77 21.21 -0.46
N TYR B 174 30.82 22.05 -0.82
CA TYR B 174 31.05 23.49 -0.76
C TYR B 174 31.58 23.86 0.60
N LEU B 175 31.04 23.25 1.64
CA LEU B 175 31.43 23.63 3.00
C LEU B 175 32.84 23.15 3.37
N GLN B 176 33.21 21.99 2.87
CA GLN B 176 34.57 21.49 3.00
C GLN B 176 35.54 22.48 2.37
N ARG B 177 35.29 22.81 1.12
CA ARG B 177 36.14 23.77 0.44
C ARG B 177 36.14 25.13 1.14
N LEU B 178 34.99 25.63 1.58
CA LEU B 178 34.96 26.94 2.23
C LEU B 178 35.77 26.92 3.50
N LEU B 179 35.66 25.80 4.19
CA LEU B 179 36.20 25.67 5.55
C LEU B 179 37.67 25.27 5.62
N GLU B 180 38.18 24.74 4.51
CA GLU B 180 39.57 24.31 4.39
C GLU B 180 40.59 25.28 4.99
N PRO B 181 40.58 26.55 4.56
CA PRO B 181 41.54 27.54 5.03
C PRO B 181 41.75 27.59 6.52
N LEU B 182 40.66 27.63 7.28
CA LEU B 182 40.69 27.58 8.75
C LEU B 182 41.01 26.20 9.31
N GLY B 183 41.53 26.16 10.54
CA GLY B 183 42.27 25.02 11.03
C GLY B 183 41.68 23.62 11.00
N ALA B 184 40.36 23.51 11.19
CA ALA B 184 39.78 22.29 11.72
C ALA B 184 39.84 21.06 10.85
N ALA B 185 39.64 19.90 11.48
CA ALA B 185 39.41 18.64 10.79
C ALA B 185 38.01 18.65 10.20
N ILE B 186 37.79 17.88 9.13
CA ILE B 186 36.50 17.90 8.47
C ILE B 186 36.08 16.46 8.15
N SER B 187 34.86 16.10 8.51
CA SER B 187 34.38 14.75 8.36
C SER B 187 33.00 14.72 7.72
N ARG B 188 32.63 13.57 7.18
CA ARG B 188 31.35 13.42 6.53
C ARG B 188 30.68 12.16 7.09
N ILE B 189 29.48 12.31 7.66
CA ILE B 189 28.75 11.15 8.19
C ILE B 189 28.63 10.07 7.16
N ALA B 190 28.87 8.84 7.58
CA ALA B 190 29.01 7.73 6.64
C ALA B 190 27.80 7.55 5.79
N TYR B 191 28.06 7.38 4.51
CA TYR B 191 27.09 6.87 3.57
C TYR B 191 27.23 5.37 3.65
N GLY B 192 26.11 4.67 3.61
CA GLY B 192 26.12 3.23 3.68
C GLY B 192 24.73 2.70 3.82
N VAL B 193 24.64 1.45 4.26
CA VAL B 193 23.37 0.78 4.49
C VAL B 193 22.93 0.97 5.95
N PRO B 194 21.62 1.22 6.16
CA PRO B 194 21.02 1.50 7.46
C PRO B 194 20.80 0.23 8.25
N VAL B 195 20.14 0.34 9.40
CA VAL B 195 19.96 -0.84 10.24
C VAL B 195 18.85 -1.74 9.79
N GLY B 196 19.03 -3.05 10.00
CA GLY B 196 18.04 -4.04 9.64
C GLY B 196 17.61 -4.01 8.18
N GLY B 197 18.51 -3.60 7.30
CA GLY B 197 18.32 -3.75 5.86
C GLY B 197 18.87 -5.10 5.38
N SER B 198 18.42 -5.53 4.21
CA SER B 198 19.10 -6.61 3.50
C SER B 198 19.65 -6.03 2.20
N LEU B 199 20.84 -6.50 1.80
CA LEU B 199 21.35 -6.19 0.49
C LEU B 199 20.31 -6.37 -0.60
N GLU B 200 19.66 -7.53 -0.62
CA GLU B 200 18.68 -7.84 -1.65
C GLU B 200 17.78 -6.65 -1.97
N TYR B 201 17.48 -5.85 -0.94
CA TYR B 201 16.36 -4.90 -1.01
C TYR B 201 16.83 -3.47 -0.84
N THR B 202 18.08 -3.21 -1.17
CA THR B 202 18.66 -1.87 -1.07
C THR B 202 19.14 -1.39 -2.45
N ASP B 203 19.14 -0.08 -2.65
CA ASP B 203 19.28 0.50 -3.99
C ASP B 203 20.72 0.49 -4.46
N GLU B 204 20.91 0.23 -5.75
CA GLU B 204 22.26 0.03 -6.29
C GLU B 204 23.23 1.07 -5.82
N VAL B 205 22.75 2.32 -5.73
CA VAL B 205 23.60 3.44 -5.37
C VAL B 205 24.14 3.26 -3.96
N THR B 206 23.21 3.14 -3.02
CA THR B 206 23.55 2.94 -1.64
C THR B 206 24.50 1.76 -1.51
N LEU B 207 24.12 0.63 -2.12
CA LEU B 207 24.97 -0.55 -2.07
C LEU B 207 26.36 -0.19 -2.47
N GLY B 208 26.51 0.41 -3.64
CA GLY B 208 27.82 0.76 -4.14
C GLY B 208 28.62 1.55 -3.11
N ARG B 209 27.97 2.59 -2.57
CA ARG B 209 28.65 3.43 -1.60
C ARG B 209 29.15 2.59 -0.43
N ALA B 210 28.25 1.83 0.19
CA ALA B 210 28.61 0.92 1.30
C ALA B 210 29.79 0.02 0.96
N LEU B 211 29.70 -0.63 -0.20
CA LEU B 211 30.76 -1.52 -0.67
C LEU B 211 32.13 -0.83 -0.79
N THR B 212 32.20 0.26 -1.56
CA THR B 212 33.44 1.04 -1.62
C THR B 212 33.80 1.52 -0.22
N GLY B 213 32.85 2.16 0.46
CA GLY B 213 33.11 2.81 1.74
C GLY B 213 33.31 1.88 2.93
N ARG B 214 33.46 0.58 2.66
CA ARG B 214 33.64 -0.41 3.72
C ARG B 214 34.79 -0.08 4.67
N GLN B 215 34.58 -0.26 5.97
CA GLN B 215 35.69 -0.21 6.90
C GLN B 215 36.36 -1.59 6.96
N THR B 216 37.69 -1.58 7.02
CA THR B 216 38.47 -2.81 7.11
C THR B 216 38.83 -2.96 8.56
N VAL B 217 38.96 -4.20 9.01
CA VAL B 217 39.31 -4.44 10.41
C VAL B 217 40.61 -5.23 10.63
N SER B 218 40.70 -6.43 10.07
CA SER B 218 41.92 -7.24 10.24
C SER B 218 42.99 -7.04 9.14
N SER C 30 -7.10 -28.19 -4.83
CA SER C 30 -5.71 -28.77 -4.94
C SER C 30 -4.75 -27.72 -5.49
N LEU C 31 -4.94 -27.37 -6.76
CA LEU C 31 -4.21 -26.28 -7.40
C LEU C 31 -4.18 -25.05 -6.49
N ILE C 32 -5.34 -24.59 -6.06
CA ILE C 32 -5.48 -23.33 -5.35
C ILE C 32 -4.83 -23.31 -3.97
N ARG C 33 -5.01 -24.38 -3.19
CA ARG C 33 -4.33 -24.49 -1.91
C ARG C 33 -2.83 -24.49 -2.16
N GLU C 34 -2.42 -25.26 -3.17
CA GLU C 34 -1.01 -25.35 -3.56
C GLU C 34 -0.48 -23.98 -3.99
N LEU C 35 -1.39 -23.08 -4.30
CA LEU C 35 -1.05 -21.70 -4.55
C LEU C 35 -0.89 -20.93 -3.23
N SER C 36 -1.87 -21.11 -2.34
CA SER C 36 -1.87 -20.45 -1.04
C SER C 36 -0.58 -20.82 -0.31
N ARG C 37 -0.02 -21.96 -0.72
CA ARG C 37 1.29 -22.41 -0.28
C ARG C 37 2.31 -21.30 -0.44
N LEU C 38 2.66 -21.00 -1.68
CA LEU C 38 3.71 -20.05 -1.97
C LEU C 38 3.52 -18.73 -1.23
N PRO C 39 4.63 -18.08 -0.86
CA PRO C 39 4.62 -16.79 -0.20
C PRO C 39 4.31 -15.67 -1.19
N GLY C 40 3.49 -14.72 -0.75
CA GLY C 40 2.98 -13.66 -1.61
C GLY C 40 1.58 -14.01 -2.07
N ILE C 41 1.10 -15.18 -1.65
CA ILE C 41 -0.22 -15.65 -2.08
C ILE C 41 -1.17 -15.92 -0.93
N GLY C 42 -2.20 -15.07 -0.83
CA GLY C 42 -3.27 -15.22 0.13
C GLY C 42 -4.39 -16.07 -0.45
N PRO C 43 -5.47 -16.25 0.32
CA PRO C 43 -6.58 -17.11 -0.11
C PRO C 43 -7.26 -16.67 -1.41
N ALA C 44 -7.63 -15.38 -1.51
CA ALA C 44 -8.31 -14.84 -2.69
C ALA C 44 -7.30 -14.48 -3.79
N SER C 45 -6.02 -14.40 -3.41
CA SER C 45 -4.91 -14.26 -4.34
C SER C 45 -4.72 -15.62 -5.02
N ALA C 46 -4.77 -16.67 -4.20
CA ALA C 46 -4.78 -18.04 -4.70
C ALA C 46 -5.98 -18.28 -5.62
N GLN C 47 -7.17 -17.91 -5.17
CA GLN C 47 -8.38 -17.98 -6.00
C GLN C 47 -8.10 -17.33 -7.34
N ALA C 48 -7.85 -16.02 -7.30
CA ALA C 48 -7.64 -15.24 -8.51
C ALA C 48 -6.72 -15.97 -9.46
N LEU C 49 -5.61 -16.50 -8.92
CA LEU C 49 -4.60 -17.14 -9.76
C LEU C 49 -5.04 -18.49 -10.37
N ALA C 50 -5.65 -19.34 -9.54
CA ALA C 50 -6.17 -20.63 -10.00
C ALA C 50 -7.15 -20.41 -11.14
N PHE C 51 -8.15 -19.56 -10.89
CA PHE C 51 -9.16 -19.20 -11.87
C PHE C 51 -8.60 -18.66 -13.17
N HIS C 52 -7.74 -17.63 -13.07
CA HIS C 52 -7.10 -17.08 -14.25
C HIS C 52 -6.30 -18.13 -14.98
N LEU C 53 -5.89 -19.14 -14.22
CA LEU C 53 -5.07 -20.22 -14.75
C LEU C 53 -5.90 -21.20 -15.55
N PHE C 54 -7.15 -21.40 -15.14
CA PHE C 54 -8.07 -22.29 -15.86
C PHE C 54 -8.31 -21.83 -17.30
N GLU C 55 -8.05 -20.56 -17.58
CA GLU C 55 -8.29 -20.02 -18.91
C GLU C 55 -7.06 -20.00 -19.81
N GLN C 56 -5.94 -20.52 -19.32
CA GLN C 56 -4.76 -20.70 -20.16
C GLN C 56 -4.93 -21.98 -20.98
N PRO C 57 -4.08 -22.16 -22.00
CA PRO C 57 -4.12 -23.40 -22.79
C PRO C 57 -3.51 -24.58 -22.04
N ARG C 58 -3.50 -25.74 -22.67
CA ARG C 58 -2.75 -26.88 -22.16
C ARG C 58 -1.28 -26.55 -22.35
N GLU C 59 -1.00 -25.76 -23.40
CA GLU C 59 0.35 -25.28 -23.68
C GLU C 59 0.94 -24.53 -22.49
N ASP C 60 0.39 -23.35 -22.19
CA ASP C 60 0.87 -22.53 -21.08
C ASP C 60 1.13 -23.37 -19.85
N ILE C 61 0.05 -23.88 -19.26
CA ILE C 61 0.12 -24.66 -18.04
C ILE C 61 1.20 -25.74 -18.10
N GLU C 62 1.21 -26.48 -19.20
CA GLU C 62 2.21 -27.50 -19.42
C GLU C 62 3.62 -26.94 -19.28
N ARG C 63 4.02 -26.08 -20.21
CA ARG C 63 5.38 -25.54 -20.23
C ARG C 63 5.73 -24.85 -18.91
N LEU C 64 4.69 -24.45 -18.19
CA LEU C 64 4.85 -23.84 -16.89
C LEU C 64 5.40 -24.86 -15.92
N ALA C 65 4.70 -25.98 -15.78
CA ALA C 65 5.21 -27.07 -14.95
C ALA C 65 6.54 -27.57 -15.47
N SER C 66 6.71 -27.49 -16.80
CA SER C 66 7.94 -27.92 -17.46
C SER C 66 9.13 -27.14 -16.94
N ALA C 67 9.03 -25.82 -17.02
CA ALA C 67 10.07 -24.93 -16.51
C ALA C 67 10.24 -25.17 -15.01
N LEU C 68 9.13 -25.41 -14.32
CA LEU C 68 9.14 -25.74 -12.88
C LEU C 68 10.10 -26.87 -12.54
N LEU C 69 9.93 -28.01 -13.21
CA LEU C 69 10.74 -29.19 -12.90
C LEU C 69 12.13 -29.20 -13.54
N GLU C 70 12.27 -28.52 -14.68
CA GLU C 70 13.61 -28.25 -15.22
C GLU C 70 14.41 -27.48 -14.18
N ALA C 71 13.76 -26.51 -13.54
CA ALA C 71 14.36 -25.79 -12.42
C ALA C 71 14.65 -26.69 -11.23
N LYS C 72 13.74 -27.63 -10.94
CA LYS C 72 14.01 -28.61 -9.89
C LYS C 72 15.33 -29.34 -10.15
N ARG C 73 15.36 -30.16 -11.20
CA ARG C 73 16.49 -31.06 -11.45
C ARG C 73 17.73 -30.35 -12.02
N ASP C 74 17.58 -29.79 -13.21
CA ASP C 74 18.72 -29.35 -14.03
C ASP C 74 19.73 -28.42 -13.34
N LEU C 75 19.30 -27.66 -12.34
CA LEU C 75 20.21 -26.76 -11.63
C LEU C 75 20.29 -27.06 -10.13
N HIS C 76 21.45 -26.77 -9.54
CA HIS C 76 21.74 -27.18 -8.17
C HIS C 76 22.66 -26.21 -7.48
N VAL C 77 22.97 -26.50 -6.22
CA VAL C 77 23.87 -25.68 -5.42
C VAL C 77 25.29 -25.81 -5.94
N CYS C 78 26.08 -24.75 -5.77
CA CYS C 78 27.52 -24.78 -6.13
C CYS C 78 28.45 -24.92 -4.90
N PRO C 79 29.36 -25.92 -4.96
CA PRO C 79 30.21 -26.32 -3.83
C PRO C 79 31.30 -25.33 -3.42
N ILE C 80 31.77 -24.48 -4.35
CA ILE C 80 32.84 -23.52 -4.09
C ILE C 80 32.32 -22.36 -3.27
N CYS C 81 31.54 -21.50 -3.91
CA CYS C 81 30.65 -20.59 -3.21
C CYS C 81 29.21 -20.82 -3.64
N PHE C 82 28.32 -20.91 -2.66
CA PHE C 82 27.03 -21.55 -2.87
C PHE C 82 26.00 -20.64 -3.51
N ASN C 83 26.37 -20.05 -4.65
CA ASN C 83 25.41 -19.46 -5.56
C ASN C 83 24.83 -20.51 -6.51
N ILE C 84 23.54 -20.40 -6.82
CA ILE C 84 22.84 -21.37 -7.65
C ILE C 84 23.36 -21.38 -9.08
N THR C 85 23.60 -22.58 -9.62
CA THR C 85 23.82 -22.74 -11.06
C THR C 85 23.40 -24.10 -11.58
N ASP C 86 23.78 -24.33 -12.83
CA ASP C 86 23.48 -25.55 -13.56
C ASP C 86 24.73 -26.39 -13.67
N ALA C 87 25.74 -25.84 -14.35
CA ALA C 87 26.98 -26.53 -14.59
C ALA C 87 27.76 -26.69 -13.29
N GLU C 88 28.96 -27.26 -13.40
CA GLU C 88 29.82 -27.55 -12.24
C GLU C 88 30.32 -26.30 -11.51
N LYS C 89 30.21 -25.14 -12.14
CA LYS C 89 30.53 -23.88 -11.48
C LYS C 89 29.72 -22.68 -11.99
N CYS C 90 29.43 -21.75 -11.08
CA CYS C 90 28.72 -20.51 -11.43
C CYS C 90 29.63 -19.64 -12.30
N ASP C 91 29.04 -18.71 -13.05
CA ASP C 91 29.84 -17.85 -13.92
C ASP C 91 30.68 -16.83 -13.16
N VAL C 92 30.52 -16.76 -11.83
CA VAL C 92 31.42 -15.92 -11.03
C VAL C 92 32.74 -16.61 -10.75
N CYS C 93 32.67 -17.93 -10.58
CA CYS C 93 33.86 -18.74 -10.26
C CYS C 93 34.65 -19.14 -11.51
N ALA C 94 34.03 -19.97 -12.35
CA ALA C 94 34.69 -20.50 -13.54
C ALA C 94 35.27 -19.42 -14.46
N ASP C 95 34.51 -18.35 -14.66
CA ASP C 95 34.94 -17.24 -15.51
C ASP C 95 36.21 -16.59 -14.95
N PRO C 96 37.33 -16.75 -15.67
CA PRO C 96 38.68 -16.37 -15.23
C PRO C 96 38.95 -14.86 -15.18
N SER C 97 38.10 -14.05 -15.82
CA SER C 97 38.32 -12.60 -15.87
C SER C 97 38.15 -11.93 -14.50
N ARG C 98 37.51 -12.61 -13.55
CA ARG C 98 37.31 -12.06 -12.21
C ARG C 98 38.49 -12.35 -11.28
N ASP C 99 38.87 -11.38 -10.44
CA ASP C 99 40.05 -11.49 -9.58
C ASP C 99 39.83 -12.36 -8.34
N GLN C 100 40.88 -13.07 -7.93
CA GLN C 100 40.82 -14.01 -6.80
C GLN C 100 41.24 -13.37 -5.48
N ARG C 101 41.65 -12.11 -5.55
CA ARG C 101 42.15 -11.40 -4.39
C ARG C 101 41.12 -11.36 -3.27
N THR C 102 39.87 -11.17 -3.64
CA THR C 102 38.81 -10.91 -2.67
C THR C 102 37.59 -11.82 -2.80
N ILE C 103 37.04 -12.20 -1.65
CA ILE C 103 35.76 -12.89 -1.63
C ILE C 103 34.79 -12.14 -0.75
N CYS C 104 33.53 -12.12 -1.20
CA CYS C 104 32.47 -11.33 -0.57
C CYS C 104 31.34 -12.23 -0.09
N VAL C 105 31.12 -12.26 1.22
CA VAL C 105 30.12 -13.17 1.77
C VAL C 105 28.74 -12.55 1.91
N VAL C 106 27.75 -13.13 1.26
CA VAL C 106 26.41 -12.58 1.31
C VAL C 106 25.42 -13.59 1.88
N GLU C 107 24.31 -13.08 2.44
CA GLU C 107 23.31 -13.94 3.11
C GLU C 107 22.64 -14.98 2.20
N GLU C 108 22.30 -14.59 0.98
CA GLU C 108 21.67 -15.53 0.05
C GLU C 108 21.88 -15.07 -1.39
N PRO C 109 21.45 -15.90 -2.37
CA PRO C 109 21.62 -15.62 -3.80
C PRO C 109 21.14 -14.26 -4.29
N GLY C 110 19.94 -13.86 -3.90
CA GLY C 110 19.45 -12.53 -4.26
C GLY C 110 20.52 -11.48 -3.97
N ASP C 111 21.08 -11.56 -2.77
CA ASP C 111 22.13 -10.65 -2.31
C ASP C 111 23.24 -10.63 -3.37
N VAL C 112 23.59 -11.79 -3.89
CA VAL C 112 24.62 -11.91 -4.92
C VAL C 112 24.24 -11.02 -6.09
N ILE C 113 23.02 -11.22 -6.58
CA ILE C 113 22.56 -10.48 -7.73
C ILE C 113 22.57 -8.98 -7.50
N ALA C 114 21.74 -8.51 -6.57
CA ALA C 114 21.62 -7.08 -6.33
C ALA C 114 22.96 -6.45 -6.05
N LEU C 115 23.93 -7.27 -5.64
CA LEU C 115 25.29 -6.79 -5.37
C LEU C 115 26.10 -6.63 -6.65
N GLU C 116 26.00 -7.61 -7.55
CA GLU C 116 26.60 -7.46 -8.87
C GLU C 116 26.06 -6.22 -9.58
N ARG C 117 24.75 -5.99 -9.44
CA ARG C 117 24.06 -4.89 -10.08
C ARG C 117 24.74 -3.53 -9.92
N SER C 118 25.15 -3.21 -8.68
CA SER C 118 25.69 -1.90 -8.37
C SER C 118 26.87 -1.57 -9.26
N GLY C 119 27.44 -2.60 -9.87
CA GLY C 119 28.55 -2.43 -10.79
C GLY C 119 29.82 -2.04 -10.06
N GLU C 120 29.84 -2.24 -8.75
CA GLU C 120 31.04 -1.92 -7.98
C GLU C 120 31.99 -3.07 -7.60
N TYR C 121 31.71 -4.29 -8.05
CA TYR C 121 32.49 -5.44 -7.59
C TYR C 121 32.78 -6.48 -8.67
N ARG C 122 34.06 -6.71 -8.96
CA ARG C 122 34.48 -7.74 -9.93
C ARG C 122 34.98 -9.07 -9.33
N GLY C 123 34.96 -9.17 -8.00
CA GLY C 123 35.56 -10.31 -7.30
C GLY C 123 34.71 -11.55 -7.10
N LEU C 124 34.89 -12.20 -5.95
CA LEU C 124 34.15 -13.40 -5.60
C LEU C 124 33.11 -13.19 -4.51
N TYR C 125 31.96 -13.85 -4.69
CA TYR C 125 30.97 -13.95 -3.63
C TYR C 125 31.02 -15.36 -3.07
N HIS C 126 30.79 -15.48 -1.77
CA HIS C 126 30.50 -16.78 -1.19
C HIS C 126 29.18 -16.66 -0.48
N VAL C 127 28.31 -17.64 -0.69
CA VAL C 127 26.97 -17.57 -0.11
C VAL C 127 26.77 -18.50 1.06
N LEU C 128 26.77 -17.94 2.27
CA LEU C 128 26.23 -18.62 3.45
C LEU C 128 24.71 -18.61 3.40
N HIS C 129 24.11 -19.79 3.34
CA HIS C 129 22.74 -19.91 2.89
C HIS C 129 21.75 -19.56 3.94
N GLY C 130 22.23 -18.88 4.98
CA GLY C 130 21.37 -18.26 6.00
C GLY C 130 22.06 -17.14 6.74
N VAL C 131 21.58 -16.79 7.94
CA VAL C 131 22.41 -16.15 8.96
C VAL C 131 22.47 -16.99 10.25
N LEU C 132 23.14 -16.49 11.30
CA LEU C 132 23.22 -17.23 12.55
C LEU C 132 22.12 -16.86 13.52
N SER C 133 21.16 -17.76 13.71
CA SER C 133 20.17 -17.61 14.79
C SER C 133 20.12 -18.84 15.70
N PRO C 134 20.52 -18.67 16.99
CA PRO C 134 20.30 -19.70 18.01
C PRO C 134 18.82 -20.02 18.32
N MET C 135 18.00 -19.02 18.58
CA MET C 135 16.56 -19.23 18.78
C MET C 135 16.07 -20.12 17.67
N ASN C 136 16.02 -19.57 16.45
CA ASN C 136 15.47 -20.24 15.29
C ASN C 136 16.12 -21.61 15.07
N GLY C 137 17.32 -21.80 15.64
CA GLY C 137 18.00 -23.09 15.59
C GLY C 137 19.11 -23.21 14.57
N VAL C 138 19.54 -22.08 14.04
CA VAL C 138 20.53 -22.09 12.96
C VAL C 138 21.94 -21.96 13.48
N GLY C 139 22.69 -23.05 13.34
CA GLY C 139 24.10 -23.07 13.66
C GLY C 139 24.95 -22.97 12.40
N PRO C 140 26.23 -22.59 12.57
CA PRO C 140 27.11 -22.38 11.41
C PRO C 140 27.52 -23.69 10.76
N ASP C 141 26.55 -24.58 10.63
CA ASP C 141 26.77 -25.92 10.12
C ASP C 141 25.97 -25.99 8.83
N LYS C 142 24.67 -25.79 8.98
CA LYS C 142 23.76 -25.58 7.86
C LYS C 142 24.30 -24.42 7.08
N LEU C 143 24.80 -23.43 7.81
CA LEU C 143 25.52 -22.33 7.20
C LEU C 143 26.79 -22.83 6.53
N HIS C 144 27.12 -22.20 5.41
CA HIS C 144 28.22 -22.68 4.57
C HIS C 144 29.56 -22.16 4.97
N ILE C 145 29.65 -21.66 6.19
CA ILE C 145 30.91 -21.23 6.77
C ILE C 145 32.07 -22.20 6.51
N LYS C 146 31.98 -23.41 7.06
CA LYS C 146 33.10 -24.35 6.98
C LYS C 146 33.78 -24.43 5.59
N PRO C 147 33.00 -24.65 4.53
CA PRO C 147 33.47 -24.63 3.14
C PRO C 147 34.02 -23.28 2.63
N LEU C 148 33.89 -22.24 3.47
CA LEU C 148 34.49 -20.93 3.19
C LEU C 148 35.98 -20.91 3.52
N LEU C 149 36.35 -21.49 4.66
CA LEU C 149 37.72 -21.46 5.20
C LEU C 149 38.81 -21.85 4.22
N PRO C 150 38.61 -22.94 3.44
CA PRO C 150 39.54 -23.30 2.37
C PRO C 150 39.84 -22.15 1.40
N ARG C 151 38.80 -21.38 1.07
CA ARG C 151 38.91 -20.35 0.02
C ARG C 151 39.76 -19.13 0.42
N VAL C 152 39.85 -18.89 1.73
CA VAL C 152 40.59 -17.75 2.24
C VAL C 152 42.04 -18.14 2.48
N GLY C 153 42.93 -17.49 1.72
CA GLY C 153 44.35 -17.78 1.76
C GLY C 153 45.18 -16.59 2.22
N GLN C 154 46.49 -16.81 2.32
CA GLN C 154 47.40 -15.77 2.76
C GLN C 154 47.15 -14.48 1.99
N GLY C 155 47.08 -13.38 2.71
CA GLY C 155 47.04 -12.07 2.09
C GLY C 155 45.99 -11.88 1.00
N MET C 156 44.73 -12.19 1.32
CA MET C 156 43.60 -11.83 0.47
C MET C 156 42.71 -10.83 1.18
N GLU C 157 41.61 -10.44 0.54
CA GLU C 157 40.60 -9.66 1.25
C GLU C 157 39.25 -10.35 1.25
N VAL C 158 38.65 -10.40 2.43
CA VAL C 158 37.29 -10.86 2.54
C VAL C 158 36.40 -9.74 3.04
N ILE C 159 35.32 -9.52 2.29
CA ILE C 159 34.36 -8.52 2.65
C ILE C 159 33.09 -9.17 3.14
N LEU C 160 32.54 -8.60 4.19
CA LEU C 160 31.40 -9.19 4.83
C LEU C 160 30.14 -8.49 4.38
N ALA C 161 29.42 -9.16 3.48
CA ALA C 161 28.19 -8.67 2.87
C ALA C 161 26.92 -9.28 3.45
N THR C 162 27.00 -9.94 4.59
CA THR C 162 25.76 -10.33 5.26
C THR C 162 24.99 -9.05 5.59
N GLY C 163 23.67 -9.17 5.71
CA GLY C 163 22.79 -8.03 5.95
C GLY C 163 23.10 -7.29 7.23
N THR C 164 22.36 -6.23 7.50
CA THR C 164 22.57 -5.43 8.73
C THR C 164 21.63 -5.75 9.91
N THR C 165 20.79 -6.77 9.77
CA THR C 165 19.97 -7.19 10.89
C THR C 165 20.88 -7.79 11.95
N VAL C 166 20.53 -7.64 13.22
CA VAL C 166 21.37 -8.14 14.31
C VAL C 166 21.88 -9.51 13.99
N GLU C 167 21.04 -10.30 13.30
CA GLU C 167 21.41 -11.65 12.95
C GLU C 167 22.53 -11.66 11.91
N GLY C 168 22.41 -10.80 10.91
CA GLY C 168 23.47 -10.65 9.90
C GLY C 168 24.70 -10.00 10.49
N ASP C 169 24.46 -9.06 11.39
CA ASP C 169 25.52 -8.35 12.10
C ASP C 169 26.39 -9.35 12.85
N ALA C 170 25.75 -10.03 13.80
CA ALA C 170 26.36 -11.10 14.55
C ALA C 170 27.07 -12.08 13.65
N THR C 171 26.38 -12.54 12.60
CA THR C 171 26.98 -13.46 11.65
C THR C 171 28.33 -12.94 11.20
N ALA C 172 28.36 -11.67 10.79
CA ALA C 172 29.58 -11.05 10.33
C ALA C 172 30.63 -11.07 11.44
N LEU C 173 30.28 -10.50 12.57
CA LEU C 173 31.17 -10.42 13.72
C LEU C 173 31.89 -11.74 13.99
N TYR C 174 31.09 -12.79 14.04
CA TYR C 174 31.60 -14.13 14.21
C TYR C 174 32.50 -14.52 13.05
N LEU C 175 32.10 -14.15 11.83
CA LEU C 175 32.90 -14.48 10.65
C LEU C 175 34.30 -13.86 10.68
N GLN C 176 34.38 -12.64 11.22
CA GLN C 176 35.65 -11.96 11.34
C GLN C 176 36.49 -12.58 12.45
N ARG C 177 35.91 -12.70 13.64
CA ARG C 177 36.71 -13.18 14.76
C ARG C 177 37.14 -14.64 14.55
N LEU C 178 36.44 -15.31 13.65
CA LEU C 178 36.87 -16.63 13.17
C LEU C 178 37.88 -16.54 12.02
N LEU C 179 37.75 -15.52 11.17
CA LEU C 179 38.55 -15.44 9.95
C LEU C 179 39.92 -14.78 10.12
N GLU C 180 40.12 -14.06 11.21
CA GLU C 180 41.36 -13.30 11.40
C GLU C 180 42.65 -14.15 11.49
N PRO C 181 42.58 -15.39 12.01
CA PRO C 181 43.78 -16.21 11.98
C PRO C 181 44.42 -16.39 10.60
N LEU C 182 43.63 -16.64 9.56
CA LEU C 182 44.18 -16.73 8.19
C LEU C 182 44.54 -15.36 7.61
N GLY C 183 45.62 -15.30 6.86
CA GLY C 183 46.30 -14.06 6.57
C GLY C 183 45.55 -12.97 5.85
N ALA C 184 44.35 -13.25 5.39
CA ALA C 184 43.63 -12.28 4.57
C ALA C 184 43.10 -11.08 5.36
N ALA C 185 42.52 -10.12 4.64
CA ALA C 185 42.14 -8.82 5.20
C ALA C 185 40.64 -8.71 5.32
N ILE C 186 40.14 -8.49 6.52
CA ILE C 186 38.70 -8.48 6.74
C ILE C 186 38.07 -7.08 6.75
N SER C 187 37.20 -6.80 5.79
CA SER C 187 36.45 -5.56 5.79
C SER C 187 34.96 -5.82 5.72
N ARG C 188 34.16 -4.87 6.22
CA ARG C 188 32.72 -5.04 6.23
C ARG C 188 31.95 -3.82 5.76
N ILE C 189 31.00 -4.06 4.87
CA ILE C 189 30.30 -3.02 4.15
C ILE C 189 29.73 -1.94 5.06
N ALA C 190 29.91 -0.67 4.68
CA ALA C 190 29.71 0.45 5.60
C ALA C 190 28.30 0.60 6.06
N TYR C 191 28.13 0.90 7.35
CA TYR C 191 26.82 1.24 7.90
C TYR C 191 26.67 2.74 7.83
N GLY C 192 25.51 3.20 7.38
CA GLY C 192 25.22 4.62 7.40
C GLY C 192 23.88 5.00 6.83
N VAL C 193 23.71 6.28 6.50
CA VAL C 193 22.46 6.74 5.93
C VAL C 193 22.53 6.48 4.44
N PRO C 194 21.45 5.94 3.86
CA PRO C 194 21.45 5.53 2.47
C PRO C 194 21.40 6.72 1.55
N VAL C 195 21.85 6.51 0.32
CA VAL C 195 21.88 7.55 -0.70
C VAL C 195 20.56 8.26 -0.83
N GLY C 196 20.60 9.59 -0.81
CA GLY C 196 19.43 10.42 -0.97
C GLY C 196 18.40 10.33 0.13
N GLY C 197 18.79 10.62 1.35
CA GLY C 197 17.85 10.56 2.44
C GLY C 197 18.26 11.60 3.46
N SER C 198 17.27 12.18 4.13
CA SER C 198 17.54 13.21 5.12
C SER C 198 17.45 12.62 6.52
N LEU C 199 18.32 13.12 7.39
CA LEU C 199 18.50 12.66 8.76
C LEU C 199 17.22 12.73 9.59
N GLU C 200 16.53 13.85 9.43
CA GLU C 200 15.30 14.16 10.14
C GLU C 200 14.48 12.90 10.19
N TYR C 201 14.30 12.29 9.03
CA TYR C 201 13.54 11.06 8.89
C TYR C 201 14.37 9.78 8.86
N THR C 202 15.60 9.84 9.38
CA THR C 202 16.38 8.59 9.56
C THR C 202 16.50 8.20 11.02
N ASP C 203 16.51 6.90 11.27
CA ASP C 203 16.35 6.35 12.63
C ASP C 203 17.55 6.59 13.51
N GLU C 204 17.35 6.54 14.82
CA GLU C 204 18.38 6.91 15.80
C GLU C 204 19.60 6.00 15.78
N VAL C 205 19.36 4.73 15.51
CA VAL C 205 20.44 3.72 15.47
C VAL C 205 21.37 3.97 14.29
N THR C 206 20.78 3.98 13.09
CA THR C 206 21.52 4.27 11.86
C THR C 206 22.27 5.61 11.93
N LEU C 207 21.55 6.67 12.33
CA LEU C 207 22.17 7.97 12.53
C LEU C 207 23.40 7.82 13.38
N GLY C 208 23.24 7.38 14.62
CA GLY C 208 24.39 7.18 15.50
C GLY C 208 25.56 6.46 14.86
N ARG C 209 25.30 5.37 14.14
CA ARG C 209 26.36 4.58 13.50
C ARG C 209 26.99 5.25 12.28
N ALA C 210 26.27 6.16 11.63
CA ALA C 210 26.84 6.92 10.53
C ALA C 210 27.49 8.19 11.04
N LEU C 211 27.27 8.47 12.32
CA LEU C 211 27.92 9.56 13.03
C LEU C 211 29.27 9.09 13.51
N THR C 212 29.33 7.86 14.03
CA THR C 212 30.59 7.32 14.47
C THR C 212 31.41 6.86 13.25
N GLY C 213 30.78 6.12 12.35
CA GLY C 213 31.48 5.56 11.20
C GLY C 213 32.02 6.60 10.23
N ARG C 214 31.72 7.86 10.53
CA ARG C 214 31.96 8.93 9.60
C ARG C 214 33.36 8.91 9.10
N GLN C 215 33.52 9.05 7.79
CA GLN C 215 34.84 9.26 7.21
C GLN C 215 35.28 10.72 7.28
N THR C 216 36.61 10.91 7.21
CA THR C 216 37.23 12.22 7.34
C THR C 216 37.58 12.70 5.97
N VAL C 217 37.47 14.00 5.76
CA VAL C 217 37.90 14.57 4.48
C VAL C 217 39.09 15.52 4.63
N SER C 218 38.89 16.72 5.18
CA SER C 218 40.00 17.65 5.41
C SER C 218 40.69 17.50 6.79
N LYS C 219 41.96 17.10 6.77
CA LYS C 219 42.82 17.08 7.95
C LYS C 219 43.88 18.18 7.84
N PRO C 220 44.28 18.77 8.98
CA PRO C 220 45.19 19.93 9.04
C PRO C 220 46.59 19.63 8.52
N PRO D 25 21.81 -18.79 -16.09
CA PRO D 25 21.21 -20.12 -16.09
C PRO D 25 20.05 -20.20 -17.08
N PRO D 26 20.16 -21.09 -18.08
CA PRO D 26 19.24 -21.11 -19.19
C PRO D 26 17.82 -21.42 -18.77
N SER D 27 17.66 -22.34 -17.82
CA SER D 27 16.34 -22.89 -17.49
C SER D 27 15.73 -22.19 -16.29
N LEU D 28 16.59 -21.60 -15.46
CA LEU D 28 16.14 -20.66 -14.44
C LEU D 28 15.53 -19.41 -15.09
N VAL D 29 16.06 -19.05 -16.26
CA VAL D 29 15.45 -18.00 -17.08
C VAL D 29 14.03 -18.47 -17.41
N SER D 30 13.92 -19.72 -17.87
CA SER D 30 12.63 -20.36 -18.10
C SER D 30 11.73 -20.15 -16.91
N LEU D 31 12.06 -20.75 -15.78
CA LEU D 31 11.22 -20.72 -14.60
C LEU D 31 10.76 -19.30 -14.30
N ILE D 32 11.74 -18.40 -14.15
CA ILE D 32 11.49 -17.06 -13.65
C ILE D 32 10.68 -16.19 -14.61
N ARG D 33 11.01 -16.25 -15.89
CA ARG D 33 10.23 -15.51 -16.88
C ARG D 33 8.82 -16.08 -16.87
N GLU D 34 8.71 -17.40 -16.80
CA GLU D 34 7.42 -18.08 -16.74
C GLU D 34 6.65 -17.67 -15.50
N LEU D 35 7.36 -17.11 -14.54
CA LEU D 35 6.73 -16.50 -13.38
C LEU D 35 6.22 -15.09 -13.73
N SER D 36 7.11 -14.31 -14.36
CA SER D 36 6.80 -12.93 -14.76
C SER D 36 5.56 -12.94 -15.65
N ARG D 37 5.33 -14.09 -16.27
CA ARG D 37 4.12 -14.38 -17.05
C ARG D 37 2.88 -14.06 -16.23
N LEU D 38 2.63 -14.88 -15.20
CA LEU D 38 1.42 -14.76 -14.40
C LEU D 38 1.21 -13.35 -13.89
N PRO D 39 -0.06 -12.95 -13.74
CA PRO D 39 -0.44 -11.65 -13.19
C PRO D 39 -0.23 -11.62 -11.68
N GLY D 40 0.25 -10.48 -11.18
CA GLY D 40 0.62 -10.34 -9.78
C GLY D 40 2.12 -10.52 -9.61
N ILE D 41 2.79 -10.84 -10.71
CA ILE D 41 4.22 -11.10 -10.67
C ILE D 41 5.06 -10.17 -11.54
N GLY D 42 5.82 -9.32 -10.88
CA GLY D 42 6.77 -8.44 -11.54
C GLY D 42 8.13 -9.10 -11.60
N PRO D 43 9.14 -8.38 -12.10
CA PRO D 43 10.47 -8.96 -12.33
C PRO D 43 11.16 -9.48 -11.05
N ALA D 44 11.18 -8.66 -9.99
CA ALA D 44 11.82 -9.04 -8.72
C ALA D 44 10.88 -9.90 -7.87
N SER D 45 9.59 -9.87 -8.22
CA SER D 45 8.61 -10.75 -7.62
C SER D 45 8.84 -12.14 -8.19
N ALA D 46 9.08 -12.18 -9.50
CA ALA D 46 9.47 -13.41 -10.18
C ALA D 46 10.78 -13.94 -9.59
N GLN D 47 11.78 -13.09 -9.51
CA GLN D 47 13.04 -13.47 -8.88
C GLN D 47 12.74 -14.13 -7.55
N ALA D 48 12.15 -13.35 -6.64
CA ALA D 48 11.90 -13.79 -5.28
C ALA D 48 11.30 -15.19 -5.29
N LEU D 49 10.31 -15.39 -6.17
CA LEU D 49 9.60 -16.66 -6.22
C LEU D 49 10.44 -17.83 -6.75
N ALA D 50 11.16 -17.60 -7.85
CA ALA D 50 12.05 -18.61 -8.41
C ALA D 50 13.07 -19.06 -7.36
N PHE D 51 13.76 -18.08 -6.77
CA PHE D 51 14.74 -18.35 -5.73
C PHE D 51 14.18 -19.10 -4.54
N HIS D 52 13.09 -18.59 -3.96
CA HIS D 52 12.44 -19.29 -2.85
C HIS D 52 12.03 -20.69 -3.26
N LEU D 53 11.84 -20.87 -4.56
CA LEU D 53 11.40 -22.15 -5.09
C LEU D 53 12.56 -23.16 -5.13
N PHE D 54 13.77 -22.66 -5.37
CA PHE D 54 14.97 -23.49 -5.40
C PHE D 54 15.23 -24.20 -4.07
N GLU D 55 14.65 -23.67 -3.00
CA GLU D 55 14.86 -24.24 -1.68
C GLU D 55 13.78 -25.23 -1.22
N GLN D 56 12.81 -25.51 -2.08
CA GLN D 56 11.84 -26.56 -1.80
C GLN D 56 12.43 -27.92 -2.16
N PRO D 57 11.79 -29.01 -1.73
CA PRO D 57 12.22 -30.35 -2.13
C PRO D 57 11.83 -30.70 -3.56
N ARG D 58 12.20 -31.90 -4.00
CA ARG D 58 11.70 -32.42 -5.26
C ARG D 58 10.20 -32.68 -5.06
N GLU D 59 9.85 -33.04 -3.83
CA GLU D 59 8.47 -33.30 -3.44
C GLU D 59 7.57 -32.11 -3.75
N ASP D 60 7.77 -31.01 -3.03
CA ASP D 60 6.97 -29.81 -3.21
C ASP D 60 6.80 -29.47 -4.67
N ILE D 61 7.90 -29.08 -5.31
CA ILE D 61 7.87 -28.66 -6.70
C ILE D 61 7.11 -29.65 -7.59
N GLU D 62 7.43 -30.93 -7.41
CA GLU D 62 6.74 -32.00 -8.13
C GLU D 62 5.23 -31.89 -7.99
N ARG D 63 4.74 -32.16 -6.77
CA ARG D 63 3.31 -32.19 -6.50
C ARG D 63 2.65 -30.87 -6.88
N LEU D 64 3.48 -29.82 -6.95
CA LEU D 64 3.01 -28.50 -7.35
C LEU D 64 2.59 -28.56 -8.80
N ALA D 65 3.51 -28.97 -9.67
CA ALA D 65 3.18 -29.11 -11.07
C ALA D 65 2.06 -30.13 -11.23
N SER D 66 2.05 -31.12 -10.36
CA SER D 66 1.06 -32.19 -10.38
C SER D 66 -0.36 -31.63 -10.25
N ALA D 67 -0.56 -30.86 -9.18
CA ALA D 67 -1.83 -30.21 -8.94
C ALA D 67 -2.14 -29.26 -10.08
N LEU D 68 -1.10 -28.61 -10.59
CA LEU D 68 -1.24 -27.71 -11.73
C LEU D 68 -1.92 -28.35 -12.94
N LEU D 69 -1.39 -29.49 -13.38
CA LEU D 69 -1.91 -30.15 -14.57
C LEU D 69 -3.17 -30.99 -14.33
N GLU D 70 -3.33 -31.49 -13.10
CA GLU D 70 -4.62 -32.10 -12.72
C GLU D 70 -5.71 -31.04 -12.89
N ALA D 71 -5.40 -29.82 -12.48
CA ALA D 71 -6.31 -28.69 -12.68
C ALA D 71 -6.51 -28.39 -14.17
N LYS D 72 -5.44 -28.49 -14.97
CA LYS D 72 -5.58 -28.34 -16.42
C LYS D 72 -6.62 -29.32 -16.97
N ARG D 73 -6.31 -30.62 -16.93
CA ARG D 73 -7.15 -31.62 -17.60
C ARG D 73 -8.44 -31.95 -16.85
N ASP D 74 -8.31 -32.46 -15.64
CA ASP D 74 -9.42 -33.12 -14.92
C ASP D 74 -10.72 -32.31 -14.82
N LEU D 75 -10.61 -30.99 -14.85
CA LEU D 75 -11.81 -30.15 -14.76
C LEU D 75 -11.98 -29.23 -15.98
N HIS D 76 -13.23 -28.92 -16.30
CA HIS D 76 -13.57 -28.21 -17.54
C HIS D 76 -14.77 -27.31 -17.37
N VAL D 77 -15.12 -26.58 -18.43
CA VAL D 77 -16.27 -25.69 -18.48
C VAL D 77 -17.56 -26.49 -18.41
N CYS D 78 -18.62 -25.89 -17.86
CA CYS D 78 -19.93 -26.53 -17.79
C CYS D 78 -20.88 -25.92 -18.80
N PRO D 79 -21.53 -26.77 -19.62
CA PRO D 79 -22.34 -26.32 -20.73
C PRO D 79 -23.63 -25.64 -20.29
N ILE D 80 -24.13 -26.01 -19.11
CA ILE D 80 -25.49 -25.63 -18.69
C ILE D 80 -25.53 -24.20 -18.21
N CYS D 81 -24.79 -23.94 -17.13
CA CYS D 81 -24.20 -22.63 -16.89
C CYS D 81 -22.72 -22.79 -16.57
N PHE D 82 -21.90 -21.92 -17.17
CA PHE D 82 -20.53 -22.26 -17.51
C PHE D 82 -19.56 -22.08 -16.36
N ASN D 83 -20.09 -22.18 -15.15
CA ASN D 83 -19.26 -22.36 -13.95
C ASN D 83 -18.36 -23.58 -14.09
N ILE D 84 -17.13 -23.46 -13.63
CA ILE D 84 -16.15 -24.53 -13.71
C ILE D 84 -16.54 -25.72 -12.85
N THR D 85 -16.37 -26.92 -13.42
CA THR D 85 -16.39 -28.17 -12.62
C THR D 85 -15.59 -29.29 -13.25
N ASP D 86 -15.75 -30.46 -12.66
CA ASP D 86 -15.05 -31.69 -13.05
C ASP D 86 -16.03 -32.61 -13.75
N ALA D 87 -17.04 -33.05 -13.01
CA ALA D 87 -18.04 -33.97 -13.51
C ALA D 87 -18.95 -33.30 -14.54
N GLU D 88 -19.99 -34.03 -14.95
CA GLU D 88 -20.86 -33.59 -16.04
C GLU D 88 -21.72 -32.35 -15.70
N LYS D 89 -21.82 -32.02 -14.43
CA LYS D 89 -22.49 -30.78 -14.00
C LYS D 89 -21.97 -30.22 -12.68
N CYS D 90 -22.01 -28.88 -12.56
CA CYS D 90 -21.60 -28.22 -11.34
C CYS D 90 -22.59 -28.52 -10.22
N ASP D 91 -22.15 -28.36 -8.97
CA ASP D 91 -23.01 -28.68 -7.84
C ASP D 91 -24.16 -27.69 -7.66
N VAL D 92 -24.17 -26.62 -8.44
CA VAL D 92 -25.32 -25.70 -8.43
C VAL D 92 -26.47 -26.24 -9.27
N CYS D 93 -26.12 -26.92 -10.37
CA CYS D 93 -27.11 -27.45 -11.29
C CYS D 93 -27.63 -28.82 -10.85
N ALA D 94 -26.75 -29.81 -10.87
CA ALA D 94 -27.12 -31.20 -10.58
C ALA D 94 -27.82 -31.37 -9.23
N ASP D 95 -27.31 -30.69 -8.20
CA ASP D 95 -27.87 -30.77 -6.85
C ASP D 95 -29.31 -30.26 -6.84
N PRO D 96 -30.27 -31.17 -6.61
CA PRO D 96 -31.71 -30.91 -6.72
C PRO D 96 -32.31 -30.00 -5.64
N SER D 97 -31.60 -29.78 -4.54
CA SER D 97 -32.14 -29.00 -3.43
C SER D 97 -32.33 -27.51 -3.77
N ARG D 98 -31.67 -27.07 -4.85
CA ARG D 98 -31.76 -25.67 -5.28
C ARG D 98 -32.96 -25.42 -6.20
N ASP D 99 -33.65 -24.29 -6.01
CA ASP D 99 -34.89 -23.99 -6.75
C ASP D 99 -34.66 -23.55 -8.20
N GLN D 100 -35.56 -23.95 -9.10
CA GLN D 100 -35.43 -23.62 -10.52
C GLN D 100 -36.15 -22.35 -10.95
N ARG D 101 -36.74 -21.67 -9.98
CA ARG D 101 -37.50 -20.46 -10.25
C ARG D 101 -36.64 -19.37 -10.88
N THR D 102 -35.39 -19.27 -10.40
CA THR D 102 -34.53 -18.12 -10.72
C THR D 102 -33.14 -18.51 -11.22
N ILE D 103 -32.63 -17.75 -12.19
CA ILE D 103 -31.25 -17.85 -12.61
C ILE D 103 -30.56 -16.49 -12.47
N CYS D 104 -29.30 -16.53 -12.04
CA CYS D 104 -28.53 -15.33 -11.74
C CYS D 104 -27.26 -15.25 -12.61
N VAL D 105 -27.19 -14.24 -13.47
CA VAL D 105 -26.10 -14.16 -14.43
C VAL D 105 -24.92 -13.33 -13.92
N VAL D 106 -23.77 -13.94 -13.80
CA VAL D 106 -22.60 -13.22 -13.29
C VAL D 106 -21.48 -13.17 -14.33
N GLU D 107 -20.59 -12.17 -14.18
CA GLU D 107 -19.53 -11.93 -15.17
C GLU D 107 -18.54 -13.08 -15.33
N GLU D 108 -18.13 -13.67 -14.21
CA GLU D 108 -17.18 -14.78 -14.23
C GLU D 108 -17.30 -15.63 -12.96
N PRO D 109 -16.56 -16.75 -12.89
CA PRO D 109 -16.62 -17.73 -11.78
C PRO D 109 -16.45 -17.16 -10.37
N GLY D 110 -15.44 -16.34 -10.19
CA GLY D 110 -15.26 -15.66 -8.92
C GLY D 110 -16.55 -15.03 -8.46
N ASP D 111 -17.23 -14.32 -9.36
CA ASP D 111 -18.50 -13.67 -9.07
C ASP D 111 -19.45 -14.71 -8.49
N VAL D 112 -19.41 -15.92 -9.03
CA VAL D 112 -20.28 -17.00 -8.57
C VAL D 112 -20.00 -17.26 -7.11
N ILE D 113 -18.72 -17.46 -6.82
CA ILE D 113 -18.31 -17.74 -5.46
C ILE D 113 -18.74 -16.65 -4.48
N ALA D 114 -18.17 -15.47 -4.64
CA ALA D 114 -18.39 -14.35 -3.73
C ALA D 114 -19.87 -14.06 -3.60
N LEU D 115 -20.63 -14.51 -4.58
CA LEU D 115 -22.08 -14.35 -4.54
C LEU D 115 -22.72 -15.42 -3.66
N GLU D 116 -22.26 -16.65 -3.76
CA GLU D 116 -22.74 -17.71 -2.88
C GLU D 116 -22.47 -17.32 -1.43
N ARG D 117 -21.28 -16.76 -1.22
CA ARG D 117 -20.82 -16.36 0.11
C ARG D 117 -21.84 -15.56 0.92
N SER D 118 -22.46 -14.57 0.31
CA SER D 118 -23.34 -13.65 1.04
C SER D 118 -24.42 -14.42 1.79
N GLY D 119 -24.63 -15.67 1.39
CA GLY D 119 -25.62 -16.53 2.00
C GLY D 119 -27.06 -16.12 1.71
N GLU D 120 -27.24 -15.26 0.71
CA GLU D 120 -28.57 -14.81 0.32
C GLU D 120 -29.19 -15.46 -0.94
N TYR D 121 -28.53 -16.46 -1.53
CA TYR D 121 -29.05 -17.01 -2.77
C TYR D 121 -28.97 -18.53 -2.90
N ARG D 122 -30.13 -19.18 -2.98
CA ARG D 122 -30.19 -20.64 -3.18
C ARG D 122 -30.48 -21.11 -4.62
N GLY D 123 -30.58 -20.18 -5.57
CA GLY D 123 -30.99 -20.49 -6.96
C GLY D 123 -29.93 -20.92 -7.96
N LEU D 124 -30.10 -20.48 -9.22
CA LEU D 124 -29.14 -20.77 -10.28
C LEU D 124 -28.28 -19.59 -10.70
N TYR D 125 -26.99 -19.85 -10.96
CA TYR D 125 -26.13 -18.88 -11.62
C TYR D 125 -25.95 -19.33 -13.05
N HIS D 126 -25.85 -18.38 -13.96
CA HIS D 126 -25.31 -18.67 -15.29
C HIS D 126 -24.15 -17.76 -15.55
N VAL D 127 -23.06 -18.33 -16.06
CA VAL D 127 -21.82 -17.58 -16.25
C VAL D 127 -21.61 -17.17 -17.69
N LEU D 128 -21.62 -15.87 -17.95
CA LEU D 128 -21.41 -15.34 -19.29
C LEU D 128 -19.96 -15.51 -19.73
N HIS D 129 -19.04 -15.35 -18.79
CA HIS D 129 -17.62 -15.57 -19.06
C HIS D 129 -16.93 -14.32 -19.52
N GLY D 130 -17.63 -13.20 -19.48
CA GLY D 130 -17.07 -11.91 -19.89
C GLY D 130 -18.15 -10.88 -20.20
N VAL D 131 -17.81 -9.60 -20.19
CA VAL D 131 -18.78 -8.54 -20.51
C VAL D 131 -18.74 -8.18 -22.01
N LEU D 132 -19.68 -7.35 -22.45
CA LEU D 132 -19.74 -6.92 -23.84
C LEU D 132 -18.87 -5.71 -24.12
N SER D 133 -17.75 -5.93 -24.82
CA SER D 133 -16.94 -4.83 -25.36
C SER D 133 -16.70 -4.95 -26.87
N PRO D 134 -17.26 -4.02 -27.68
CA PRO D 134 -16.91 -3.89 -29.12
C PRO D 134 -15.43 -3.56 -29.44
N MET D 135 -14.88 -2.52 -28.82
CA MET D 135 -13.45 -2.21 -28.89
C MET D 135 -12.64 -3.48 -28.72
N ASN D 136 -12.60 -3.97 -27.49
CA ASN D 136 -11.79 -5.13 -27.12
C ASN D 136 -12.10 -6.33 -28.00
N GLY D 137 -13.25 -6.30 -28.67
CA GLY D 137 -13.60 -7.32 -29.65
C GLY D 137 -14.57 -8.37 -29.17
N VAL D 138 -15.21 -8.11 -28.02
CA VAL D 138 -16.07 -9.12 -27.42
C VAL D 138 -17.53 -8.96 -27.83
N GLY D 139 -17.99 -9.91 -28.63
CA GLY D 139 -19.39 -9.98 -29.07
C GLY D 139 -20.13 -11.04 -28.25
N PRO D 140 -21.47 -10.94 -28.20
CA PRO D 140 -22.24 -11.88 -27.38
C PRO D 140 -22.28 -13.26 -27.98
N ASP D 141 -21.14 -13.72 -28.46
CA ASP D 141 -21.01 -14.99 -29.14
C ASP D 141 -20.08 -15.81 -28.26
N LYS D 142 -18.85 -15.29 -28.12
CA LYS D 142 -17.88 -15.77 -27.15
C LYS D 142 -18.51 -15.70 -25.77
N LEU D 143 -19.37 -14.70 -25.58
CA LEU D 143 -20.23 -14.61 -24.42
C LEU D 143 -21.29 -15.70 -24.47
N HIS D 144 -21.62 -16.22 -23.29
CA HIS D 144 -22.43 -17.41 -23.22
C HIS D 144 -23.90 -17.13 -23.23
N ILE D 145 -24.26 -15.94 -23.68
CA ILE D 145 -25.65 -15.54 -23.86
C ILE D 145 -26.50 -16.61 -24.53
N LYS D 146 -26.22 -16.91 -25.78
CA LYS D 146 -27.08 -17.82 -26.54
C LYS D 146 -27.54 -19.07 -25.78
N PRO D 147 -26.60 -19.83 -25.18
CA PRO D 147 -26.89 -20.98 -24.30
C PRO D 147 -27.68 -20.64 -23.02
N LEU D 148 -27.88 -19.35 -22.76
CA LEU D 148 -28.73 -18.88 -21.67
C LEU D 148 -30.22 -18.95 -22.00
N LEU D 149 -30.56 -18.55 -23.23
CA LEU D 149 -31.97 -18.41 -23.69
C LEU D 149 -32.85 -19.63 -23.48
N PRO D 150 -32.32 -20.83 -23.78
CA PRO D 150 -33.04 -22.06 -23.45
C PRO D 150 -33.46 -22.14 -21.99
N ARG D 151 -32.60 -21.67 -21.08
CA ARG D 151 -32.81 -21.85 -19.64
C ARG D 151 -33.96 -20.99 -19.08
N VAL D 152 -34.24 -19.88 -19.74
CA VAL D 152 -35.32 -19.00 -19.29
C VAL D 152 -36.64 -19.39 -19.90
N GLY D 153 -37.64 -19.59 -19.05
CA GLY D 153 -38.92 -20.12 -19.46
C GLY D 153 -40.04 -19.34 -18.81
N GLN D 154 -41.27 -19.68 -19.15
CA GLN D 154 -42.44 -18.93 -18.72
C GLN D 154 -42.37 -18.66 -17.23
N GLY D 155 -42.64 -17.42 -16.84
CA GLY D 155 -42.79 -17.07 -15.43
C GLY D 155 -41.69 -17.55 -14.49
N MET D 156 -40.45 -17.20 -14.81
CA MET D 156 -39.34 -17.40 -13.88
C MET D 156 -38.81 -16.04 -13.46
N GLU D 157 -37.74 -16.04 -12.67
CA GLU D 157 -37.01 -14.80 -12.44
C GLU D 157 -35.55 -14.92 -12.87
N VAL D 158 -35.09 -13.91 -13.60
CA VAL D 158 -33.68 -13.80 -13.88
C VAL D 158 -33.11 -12.53 -13.27
N ILE D 159 -32.04 -12.72 -12.51
CA ILE D 159 -31.36 -11.61 -11.90
C ILE D 159 -30.03 -11.33 -12.59
N LEU D 160 -29.76 -10.06 -12.82
CA LEU D 160 -28.61 -9.68 -13.57
C LEU D 160 -27.47 -9.25 -12.65
N ALA D 161 -26.54 -10.17 -12.49
CA ALA D 161 -25.39 -10.04 -11.58
C ALA D 161 -24.07 -9.70 -12.28
N THR D 162 -24.14 -9.28 -13.52
CA THR D 162 -22.94 -8.73 -14.13
C THR D 162 -22.56 -7.49 -13.30
N GLY D 163 -21.26 -7.18 -13.31
CA GLY D 163 -20.69 -6.08 -12.55
C GLY D 163 -21.30 -4.73 -12.92
N THR D 164 -20.84 -3.70 -12.21
CA THR D 164 -21.33 -2.34 -12.43
C THR D 164 -20.44 -1.45 -13.30
N THR D 165 -19.41 -2.00 -13.93
CA THR D 165 -18.65 -1.23 -14.92
C THR D 165 -19.54 -0.97 -16.15
N VAL D 166 -19.38 0.17 -16.81
CA VAL D 166 -20.25 0.51 -17.93
C VAL D 166 -20.41 -0.69 -18.83
N GLU D 167 -19.35 -1.50 -18.91
CA GLU D 167 -19.35 -2.69 -19.74
C GLU D 167 -20.34 -3.72 -19.17
N GLY D 168 -20.27 -3.98 -17.87
CA GLY D 168 -21.19 -4.89 -17.24
C GLY D 168 -22.60 -4.32 -17.24
N ASP D 169 -22.68 -3.02 -17.08
CA ASP D 169 -23.95 -2.31 -17.09
C ASP D 169 -24.68 -2.53 -18.40
N ALA D 170 -24.06 -2.04 -19.46
CA ALA D 170 -24.50 -2.28 -20.82
C ALA D 170 -24.86 -3.73 -21.04
N THR D 171 -23.95 -4.65 -20.67
CA THR D 171 -24.22 -6.08 -20.81
C THR D 171 -25.58 -6.44 -20.23
N ALA D 172 -25.84 -5.95 -19.03
CA ALA D 172 -27.11 -6.24 -18.38
C ALA D 172 -28.24 -5.68 -19.23
N LEU D 173 -28.18 -4.39 -19.49
CA LEU D 173 -29.18 -3.67 -20.25
C LEU D 173 -29.60 -4.44 -21.49
N TYR D 174 -28.61 -4.89 -22.24
CA TYR D 174 -28.80 -5.71 -23.41
C TYR D 174 -29.49 -7.01 -23.01
N LEU D 175 -29.07 -7.59 -21.90
CA LEU D 175 -29.58 -8.88 -21.49
C LEU D 175 -31.07 -8.79 -21.17
N GLN D 176 -31.49 -7.65 -20.62
CA GLN D 176 -32.89 -7.45 -20.27
C GLN D 176 -33.70 -7.18 -21.50
N ARG D 177 -33.27 -6.22 -22.31
CA ARG D 177 -34.08 -5.85 -23.45
C ARG D 177 -34.18 -7.00 -24.45
N LEU D 178 -33.23 -7.94 -24.35
CA LEU D 178 -33.31 -9.20 -25.09
C LEU D 178 -34.17 -10.26 -24.37
N LEU D 179 -34.14 -10.25 -23.05
CA LEU D 179 -34.79 -11.31 -22.26
C LEU D 179 -36.27 -11.07 -21.95
N GLU D 180 -36.74 -9.84 -22.13
CA GLU D 180 -38.12 -9.50 -21.77
C GLU D 180 -39.20 -10.23 -22.56
N PRO D 181 -38.94 -10.55 -23.86
CA PRO D 181 -39.95 -11.33 -24.59
C PRO D 181 -40.33 -12.67 -23.93
N LEU D 182 -39.38 -13.43 -23.41
CA LEU D 182 -39.70 -14.67 -22.68
C LEU D 182 -40.23 -14.36 -21.26
N GLY D 183 -41.21 -15.14 -20.84
CA GLY D 183 -42.13 -14.72 -19.77
C GLY D 183 -41.59 -14.43 -18.39
N ALA D 184 -40.31 -14.65 -18.18
CA ALA D 184 -39.76 -14.55 -16.82
C ALA D 184 -39.65 -13.10 -16.36
N ALA D 185 -39.22 -12.94 -15.10
CA ALA D 185 -39.16 -11.63 -14.46
C ALA D 185 -37.72 -11.14 -14.30
N ILE D 186 -37.40 -9.99 -14.90
CA ILE D 186 -36.04 -9.49 -14.87
C ILE D 186 -35.77 -8.50 -13.75
N SER D 187 -34.89 -8.87 -12.83
CA SER D 187 -34.44 -7.93 -11.82
C SER D 187 -32.93 -7.82 -11.84
N ARG D 188 -32.44 -6.65 -11.42
CA ARG D 188 -31.00 -6.37 -11.45
C ARG D 188 -30.46 -5.80 -10.13
N ILE D 189 -29.41 -6.45 -9.64
CA ILE D 189 -28.85 -6.20 -8.31
C ILE D 189 -28.60 -4.71 -8.03
N ALA D 190 -28.99 -4.26 -6.84
CA ALA D 190 -29.12 -2.84 -6.54
C ALA D 190 -27.84 -2.04 -6.63
N TYR D 191 -27.92 -0.86 -7.25
CA TYR D 191 -26.82 0.11 -7.22
C TYR D 191 -27.09 0.95 -6.00
N GLY D 192 -26.05 1.18 -5.21
CA GLY D 192 -26.19 2.08 -4.07
C GLY D 192 -24.89 2.25 -3.33
N VAL D 193 -24.94 2.85 -2.14
CA VAL D 193 -23.77 2.94 -1.30
C VAL D 193 -23.63 1.60 -0.57
N PRO D 194 -22.39 1.09 -0.51
CA PRO D 194 -22.15 -0.23 0.02
C PRO D 194 -22.20 -0.22 1.52
N VAL D 195 -22.45 -1.39 2.10
CA VAL D 195 -22.63 -1.52 3.52
C VAL D 195 -21.50 -0.87 4.28
N GLY D 196 -21.90 -0.06 5.26
CA GLY D 196 -20.99 0.60 6.18
C GLY D 196 -20.06 1.62 5.57
N GLY D 197 -20.60 2.63 4.90
CA GLY D 197 -19.75 3.61 4.24
C GLY D 197 -20.49 4.92 4.38
N SER D 198 -19.74 6.03 4.52
CA SER D 198 -20.38 7.31 4.73
C SER D 198 -20.29 8.09 3.45
N LEU D 199 -21.33 8.89 3.21
CA LEU D 199 -21.51 9.57 1.92
C LEU D 199 -20.35 10.49 1.60
N GLU D 200 -19.92 11.23 2.62
CA GLU D 200 -18.91 12.25 2.48
C GLU D 200 -17.79 11.69 1.63
N TYR D 201 -17.39 10.47 1.97
CA TYR D 201 -16.34 9.77 1.23
C TYR D 201 -16.84 8.77 0.17
N THR D 202 -18.09 8.89 -0.28
CA THR D 202 -18.54 8.09 -1.45
C THR D 202 -18.69 8.93 -2.70
N ASP D 203 -18.37 8.33 -3.86
CA ASP D 203 -18.31 9.04 -5.15
C ASP D 203 -19.64 9.62 -5.66
N GLU D 204 -19.54 10.65 -6.50
CA GLU D 204 -20.71 11.38 -7.00
C GLU D 204 -21.68 10.53 -7.81
N VAL D 205 -21.14 9.60 -8.58
CA VAL D 205 -21.93 8.72 -9.42
C VAL D 205 -22.80 7.79 -8.57
N THR D 206 -22.13 7.03 -7.71
CA THR D 206 -22.81 6.10 -6.80
C THR D 206 -23.85 6.85 -5.94
N LEU D 207 -23.43 7.95 -5.31
CA LEU D 207 -24.36 8.78 -4.55
C LEU D 207 -25.59 9.09 -5.38
N GLY D 208 -25.42 9.77 -6.50
CA GLY D 208 -26.54 10.09 -7.38
C GLY D 208 -27.45 8.89 -7.60
N ARG D 209 -26.87 7.74 -7.91
CA ARG D 209 -27.67 6.54 -8.21
C ARG D 209 -28.35 5.89 -7.00
N ALA D 210 -27.82 6.12 -5.81
CA ALA D 210 -28.45 5.65 -4.59
C ALA D 210 -29.43 6.69 -4.08
N LEU D 211 -29.39 7.85 -4.69
CA LEU D 211 -30.33 8.93 -4.46
C LEU D 211 -31.57 8.71 -5.30
N THR D 212 -31.36 8.33 -6.55
CA THR D 212 -32.49 8.06 -7.43
C THR D 212 -33.09 6.68 -7.10
N GLY D 213 -32.23 5.66 -6.99
CA GLY D 213 -32.69 4.30 -6.74
C GLY D 213 -33.40 4.11 -5.40
N ARG D 214 -33.36 5.14 -4.57
CA ARG D 214 -33.86 5.04 -3.22
C ARG D 214 -35.22 4.36 -3.15
N GLN D 215 -35.37 3.44 -2.21
CA GLN D 215 -36.67 2.87 -1.90
C GLN D 215 -37.46 3.78 -0.95
N THR D 216 -38.78 3.63 -0.94
CA THR D 216 -39.63 4.35 0.02
C THR D 216 -39.92 3.47 1.24
N VAL D 217 -40.26 4.07 2.38
CA VAL D 217 -40.69 3.29 3.54
C VAL D 217 -42.09 3.68 4.01
N SER D 218 -42.21 4.89 4.55
CA SER D 218 -43.42 5.32 5.20
C SER D 218 -44.26 6.23 4.31
N LYS D 219 -45.44 5.74 3.93
CA LYS D 219 -46.32 6.46 3.00
C LYS D 219 -47.65 6.81 3.67
N PRO D 220 -48.24 7.96 3.30
CA PRO D 220 -49.35 8.55 4.07
C PRO D 220 -50.61 7.67 4.12
N SER E 24 -12.44 0.67 20.14
CA SER E 24 -11.82 0.43 18.81
C SER E 24 -11.02 -0.89 18.85
N ARG E 25 -10.73 -1.40 17.66
CA ARG E 25 -9.96 -2.64 17.48
C ARG E 25 -8.49 -2.36 17.17
N THR E 26 -8.08 -1.09 17.23
CA THR E 26 -6.71 -0.69 16.92
C THR E 26 -6.00 -0.13 18.14
N ALA E 27 -4.95 -0.82 18.59
CA ALA E 27 -4.24 -0.40 19.80
C ALA E 27 -2.74 -0.20 19.56
N ASN E 28 -2.12 0.72 20.30
CA ASN E 28 -0.66 0.87 20.25
C ASN E 28 0.03 0.65 21.61
N ARG E 29 1.13 -0.08 21.59
CA ARG E 29 1.77 -0.54 22.82
C ARG E 29 3.29 -0.43 22.75
N SER E 30 3.93 -0.65 23.89
CA SER E 30 5.37 -0.64 24.03
C SER E 30 5.90 -2.07 24.17
N GLY E 31 7.04 -2.37 23.57
CA GLY E 31 7.55 -3.73 23.58
C GLY E 31 9.03 -3.90 23.33
N ILE E 32 9.44 -5.18 23.27
CA ILE E 32 10.80 -5.63 22.92
C ILE E 32 10.65 -6.83 22.01
N VAL E 33 11.45 -6.93 20.96
CA VAL E 33 11.22 -8.02 20.03
C VAL E 33 11.98 -9.24 20.50
N ILE E 34 11.26 -10.23 21.00
CA ILE E 34 11.92 -11.42 21.46
C ILE E 34 11.86 -12.53 20.40
N ARG E 35 11.18 -12.30 19.29
CA ARG E 35 11.26 -13.25 18.18
C ARG E 35 11.00 -12.57 16.84
N ARG E 36 11.64 -13.07 15.79
CA ARG E 36 11.59 -12.46 14.46
C ARG E 36 11.68 -13.55 13.39
N ARG E 37 10.91 -13.38 12.33
CA ARG E 37 10.85 -14.38 11.29
C ARG E 37 10.34 -13.75 10.00
N VAL E 38 10.57 -14.44 8.87
CA VAL E 38 10.14 -13.95 7.55
C VAL E 38 9.61 -15.11 6.67
N THR E 39 8.68 -14.80 5.77
CA THR E 39 8.30 -15.72 4.69
C THR E 39 8.69 -15.02 3.38
N PRO E 40 9.23 -15.78 2.41
CA PRO E 40 9.88 -15.22 1.22
C PRO E 40 9.11 -14.09 0.53
N ALA E 41 7.81 -13.99 0.80
CA ALA E 41 7.03 -12.87 0.26
C ALA E 41 7.64 -11.52 0.62
N GLY E 42 8.35 -11.48 1.74
CA GLY E 42 8.86 -10.23 2.29
C GLY E 42 8.05 -9.80 3.51
N ASP E 43 7.17 -10.69 3.96
CA ASP E 43 6.35 -10.44 5.15
C ASP E 43 7.06 -10.92 6.41
N ILE E 44 7.01 -10.10 7.46
CA ILE E 44 7.77 -10.38 8.68
C ILE E 44 6.88 -10.65 9.89
N ILE E 45 6.81 -11.91 10.34
CA ILE E 45 6.04 -12.24 11.54
C ILE E 45 6.93 -11.97 12.74
N VAL E 46 6.36 -11.47 13.83
CA VAL E 46 7.21 -11.12 14.97
C VAL E 46 6.57 -11.31 16.34
N THR E 47 7.38 -11.74 17.31
CA THR E 47 6.91 -11.87 18.67
C THR E 47 7.52 -10.78 19.54
N LEU E 48 6.63 -10.09 20.26
CA LEU E 48 6.98 -9.00 21.14
C LEU E 48 6.76 -9.38 22.59
N LEU E 49 7.53 -8.77 23.47
CA LEU E 49 7.23 -8.86 24.89
C LEU E 49 6.88 -7.48 25.39
N THR E 50 5.66 -7.34 25.86
CA THR E 50 5.15 -6.09 26.39
C THR E 50 4.79 -6.31 27.84
N PRO E 51 4.72 -5.23 28.64
CA PRO E 51 4.28 -5.40 30.03
C PRO E 51 2.85 -5.97 30.14
N GLN E 52 2.11 -5.92 29.04
CA GLN E 52 0.73 -6.43 29.00
C GLN E 52 0.74 -7.90 28.63
N GLY E 53 1.95 -8.46 28.63
CA GLY E 53 2.19 -9.83 28.24
C GLY E 53 2.89 -9.93 26.89
N LYS E 54 3.12 -11.17 26.45
CA LYS E 54 3.67 -11.40 25.14
C LYS E 54 2.59 -11.10 24.09
N LEU E 55 2.98 -10.59 22.94
CA LEU E 55 2.05 -10.45 21.83
C LEU E 55 2.73 -10.67 20.47
N LYS E 56 2.16 -11.54 19.65
CA LYS E 56 2.71 -11.90 18.34
C LYS E 56 1.96 -11.21 17.21
N ALA E 57 2.58 -10.20 16.60
CA ALA E 57 1.96 -9.45 15.52
C ALA E 57 2.68 -9.61 14.17
N ILE E 58 1.93 -9.50 13.08
CA ILE E 58 2.49 -9.61 11.74
C ILE E 58 2.38 -8.28 10.99
N ALA E 59 3.40 -8.00 10.19
CA ALA E 59 3.42 -6.83 9.35
C ALA E 59 3.93 -7.23 7.95
N ARG E 60 3.35 -6.66 6.91
CA ARG E 60 3.83 -6.98 5.56
C ARG E 60 4.74 -5.93 4.95
N GLY E 61 6.06 -6.16 4.96
CA GLY E 61 6.97 -5.27 4.22
C GLY E 61 8.37 -5.10 4.77
N SER E 69 12.53 2.06 14.26
CA SER E 69 12.75 0.62 14.27
C SER E 69 12.40 0.02 12.93
N SER E 70 13.38 -0.66 12.34
CA SER E 70 13.12 -1.45 11.15
C SER E 70 12.51 -2.77 11.63
N LEU E 71 12.16 -2.81 12.92
CA LEU E 71 11.66 -4.01 13.60
C LEU E 71 12.71 -5.10 13.72
N ASN E 72 13.72 -4.85 14.54
CA ASN E 72 14.87 -5.75 14.71
C ASN E 72 14.86 -6.51 16.02
N LEU E 73 15.33 -7.76 15.97
CA LEU E 73 15.49 -8.61 17.14
C LEU E 73 16.22 -7.89 18.27
N PHE E 74 15.61 -7.88 19.46
CA PHE E 74 16.19 -7.26 20.65
C PHE E 74 16.03 -5.72 20.73
N HIS E 75 15.41 -5.13 19.72
CA HIS E 75 15.02 -3.73 19.80
C HIS E 75 14.04 -3.48 20.91
N HIS E 76 14.19 -2.35 21.59
CA HIS E 76 13.11 -1.82 22.39
C HIS E 76 12.32 -0.90 21.51
N VAL E 77 11.10 -1.31 21.18
CA VAL E 77 10.32 -0.66 20.15
C VAL E 77 8.97 -0.27 20.76
N GLY E 78 8.13 0.40 19.96
CA GLY E 78 6.72 0.60 20.28
C GLY E 78 5.98 0.79 18.98
N VAL E 79 4.71 0.37 18.93
CA VAL E 79 3.99 0.36 17.65
C VAL E 79 2.46 0.40 17.76
N GLN E 80 1.82 0.79 16.66
CA GLN E 80 0.38 0.60 16.51
C GLN E 80 0.13 -0.69 15.75
N VAL E 81 -0.72 -1.54 16.32
CA VAL E 81 -1.14 -2.81 15.70
C VAL E 81 -2.66 -2.94 15.67
N TYR E 82 -3.20 -3.57 14.62
CA TYR E 82 -4.66 -3.73 14.44
C TYR E 82 -5.14 -5.18 14.62
N GLN E 83 -6.15 -5.35 15.46
CA GLN E 83 -6.65 -6.69 15.82
C GLN E 83 -8.11 -6.89 15.37
N GLY E 84 -8.53 -8.13 15.19
CA GLY E 84 -9.93 -8.45 14.87
C GLY E 84 -10.18 -9.85 14.32
N PRO E 85 -11.45 -10.15 13.99
CA PRO E 85 -11.85 -11.39 13.30
C PRO E 85 -11.43 -11.37 11.83
N HIS E 86 -11.33 -10.17 11.26
CA HIS E 86 -10.83 -9.96 9.90
C HIS E 86 -9.53 -10.70 9.70
N ASN E 87 -8.58 -10.49 10.63
CA ASN E 87 -7.30 -11.17 10.63
C ASN E 87 -6.95 -11.64 12.03
N ASP E 88 -6.75 -12.94 12.19
CA ASP E 88 -6.57 -13.52 13.52
C ASP E 88 -5.13 -13.49 14.06
N LEU E 89 -4.20 -13.05 13.23
CA LEU E 89 -2.85 -12.69 13.70
C LEU E 89 -2.70 -11.18 13.50
N ALA E 90 -2.48 -10.47 14.59
CA ALA E 90 -2.51 -9.00 14.61
C ALA E 90 -1.64 -8.30 13.56
N SER E 91 -2.23 -7.39 12.79
CA SER E 91 -1.49 -6.62 11.79
C SER E 91 -0.66 -5.50 12.43
N VAL E 92 0.15 -4.82 11.62
CA VAL E 92 1.03 -3.77 12.14
C VAL E 92 1.02 -2.56 11.24
N LYS E 93 0.77 -1.39 11.83
CA LYS E 93 0.65 -0.17 11.06
C LYS E 93 1.86 0.76 11.18
N GLN E 94 2.15 1.24 12.38
CA GLN E 94 3.35 2.07 12.56
C GLN E 94 4.27 1.56 13.68
N ALA E 95 5.49 1.18 13.30
CA ALA E 95 6.48 0.70 14.26
C ALA E 95 7.55 1.75 14.54
N VAL E 96 7.70 2.14 15.81
CA VAL E 96 8.68 3.17 16.15
C VAL E 96 9.62 2.79 17.29
N LEU E 97 10.92 2.94 17.02
CA LEU E 97 12.00 2.54 17.92
C LEU E 97 12.19 3.49 19.11
N GLU E 98 12.29 2.89 20.30
CA GLU E 98 12.56 3.66 21.51
C GLU E 98 14.05 3.57 21.88
N GLY E 99 14.54 2.36 22.09
CA GLY E 99 15.95 2.16 22.44
C GLY E 99 16.49 0.89 21.84
N ALA E 100 17.81 0.71 21.90
CA ALA E 100 18.44 -0.48 21.33
C ALA E 100 19.86 -0.79 21.84
N LEU E 101 20.25 -2.06 21.72
CA LEU E 101 21.51 -2.57 22.28
C LEU E 101 22.35 -3.34 21.27
N PRO E 102 23.26 -2.63 20.58
CA PRO E 102 24.02 -3.13 19.44
C PRO E 102 25.00 -4.21 19.86
N THR E 103 25.56 -4.01 21.06
CA THR E 103 26.61 -4.85 21.60
C THR E 103 26.25 -6.36 21.58
N LEU E 104 24.95 -6.61 21.63
CA LEU E 104 24.42 -7.97 21.69
C LEU E 104 24.73 -8.81 20.48
N ALA E 105 25.31 -8.22 19.45
CA ALA E 105 25.66 -9.02 18.29
C ALA E 105 27.00 -9.72 18.47
N GLU E 106 27.90 -9.08 19.22
CA GLU E 106 29.25 -9.63 19.37
C GLU E 106 29.12 -10.98 20.00
N PRO E 107 29.86 -11.96 19.50
CA PRO E 107 29.47 -13.37 19.66
C PRO E 107 28.96 -13.80 21.08
N GLU E 108 29.71 -13.42 22.11
CA GLU E 108 29.38 -13.76 23.50
C GLU E 108 27.96 -13.35 23.89
N ARG E 109 27.83 -12.04 24.01
CA ARG E 109 26.61 -11.43 24.48
C ARG E 109 25.46 -11.92 23.60
N TYR E 110 25.81 -12.42 22.41
CA TYR E 110 24.84 -12.86 21.42
C TYR E 110 24.17 -14.17 21.84
N ALA E 111 24.95 -15.23 21.91
CA ALA E 111 24.37 -16.51 22.32
C ALA E 111 23.55 -16.28 23.57
N PHE E 112 24.10 -15.50 24.50
CA PHE E 112 23.41 -15.30 25.75
C PHE E 112 22.05 -14.60 25.60
N ALA E 113 22.00 -13.56 24.77
CA ALA E 113 20.72 -12.90 24.47
C ALA E 113 19.73 -13.90 23.94
N HIS E 114 20.04 -14.48 22.78
CA HIS E 114 19.12 -15.42 22.16
C HIS E 114 18.55 -16.37 23.21
N LEU E 115 19.38 -16.85 24.14
CA LEU E 115 18.86 -17.61 25.27
C LEU E 115 17.79 -16.84 26.05
N MET E 116 18.18 -15.73 26.65
CA MET E 116 17.26 -14.95 27.48
C MET E 116 15.90 -14.75 26.82
N ALA E 117 15.92 -14.44 25.53
CA ALA E 117 14.68 -14.20 24.80
C ALA E 117 13.90 -15.48 24.58
N GLU E 118 14.61 -16.60 24.40
CA GLU E 118 13.95 -17.89 24.28
C GLU E 118 13.18 -18.23 25.56
N PHE E 119 13.73 -17.81 26.70
CA PHE E 119 13.03 -17.90 27.97
C PHE E 119 11.80 -17.01 27.97
N ALA E 120 12.03 -15.73 27.67
CA ALA E 120 10.93 -14.79 27.66
C ALA E 120 9.77 -15.34 26.83
N ASP E 121 10.11 -16.10 25.79
CA ASP E 121 9.09 -16.67 24.94
C ASP E 121 8.43 -17.92 25.51
N ALA E 122 9.20 -18.73 26.24
CA ALA E 122 8.70 -20.00 26.78
C ALA E 122 7.90 -19.77 28.06
N LEU E 123 8.39 -18.89 28.92
CA LEU E 123 7.62 -18.41 30.06
C LEU E 123 6.69 -17.27 29.64
N PHE E 124 6.12 -16.57 30.62
CA PHE E 124 5.43 -15.30 30.37
C PHE E 124 4.45 -15.36 29.19
N GLN E 125 3.28 -15.91 29.47
CA GLN E 125 2.43 -16.50 28.46
C GLN E 125 1.40 -15.54 27.90
N GLU E 126 1.84 -14.34 27.54
CA GLU E 126 1.05 -13.46 26.69
C GLU E 126 -0.39 -13.33 27.18
N SER E 130 2.58 -11.02 34.33
CA SER E 130 2.78 -9.81 35.10
C SER E 130 3.93 -9.02 34.51
N GLU E 131 3.79 -7.70 34.45
CA GLU E 131 4.81 -6.83 33.87
C GLU E 131 6.20 -7.09 34.43
N GLN E 132 6.24 -7.58 35.66
CA GLN E 132 7.48 -7.90 36.36
C GLN E 132 8.42 -8.67 35.45
N ALA E 133 7.91 -9.75 34.84
CA ALA E 133 8.71 -10.53 33.90
C ALA E 133 9.32 -9.65 32.82
N PHE E 134 8.55 -8.68 32.34
CA PHE E 134 9.05 -7.79 31.31
C PHE E 134 10.21 -6.93 31.80
N ASP E 135 10.06 -6.35 32.98
CA ASP E 135 11.11 -5.48 33.52
C ASP E 135 12.37 -6.30 33.82
N LEU E 136 12.15 -7.57 34.12
CA LEU E 136 13.25 -8.48 34.42
C LEU E 136 14.00 -8.76 33.13
N PHE E 137 13.37 -9.53 32.24
CA PHE E 137 14.02 -9.91 30.98
C PHE E 137 14.64 -8.68 30.34
N ALA E 138 13.92 -7.56 30.41
CA ALA E 138 14.49 -6.28 30.04
C ALA E 138 15.86 -6.15 30.71
N ALA E 139 15.87 -6.08 32.05
CA ALA E 139 17.13 -5.96 32.76
C ALA E 139 18.18 -6.97 32.29
N SER E 140 17.71 -8.16 31.91
CA SER E 140 18.61 -9.22 31.48
C SER E 140 19.34 -8.74 30.25
N LEU E 141 18.61 -8.35 29.22
CA LEU E 141 19.28 -7.87 28.03
C LEU E 141 20.23 -6.72 28.33
N ARG E 142 19.81 -5.79 29.18
CA ARG E 142 20.67 -4.67 29.57
C ARG E 142 22.03 -5.18 30.10
N GLY E 143 21.96 -6.05 31.10
CA GLY E 143 23.17 -6.56 31.75
C GLY E 143 23.99 -7.53 30.92
N VAL E 144 23.35 -8.23 29.99
CA VAL E 144 24.06 -9.18 29.14
C VAL E 144 24.75 -8.40 28.04
N ALA E 145 24.26 -7.19 27.82
CA ALA E 145 24.89 -6.25 26.88
C ALA E 145 26.11 -5.52 27.46
N HIS E 146 25.96 -5.00 28.67
CA HIS E 146 26.95 -4.07 29.24
C HIS E 146 27.88 -4.76 30.18
N GLN E 147 27.32 -5.39 31.21
CA GLN E 147 28.11 -6.04 32.26
C GLN E 147 29.21 -6.92 31.67
N PRO E 148 30.35 -6.94 32.35
CA PRO E 148 31.59 -7.44 31.78
C PRO E 148 31.69 -8.97 31.79
N ASP E 149 30.86 -9.61 32.60
CA ASP E 149 30.83 -11.06 32.68
C ASP E 149 29.50 -11.61 32.19
N PRO E 150 29.36 -11.78 30.88
CA PRO E 150 28.06 -12.00 30.27
C PRO E 150 27.44 -13.37 30.67
N GLU E 151 28.28 -14.40 30.79
CA GLU E 151 27.85 -15.76 31.13
C GLU E 151 27.26 -15.79 32.53
N TRP E 152 27.82 -14.97 33.41
CA TRP E 152 27.29 -14.88 34.75
C TRP E 152 25.92 -14.24 34.75
N VAL E 153 25.79 -13.12 34.04
CA VAL E 153 24.49 -12.49 33.85
C VAL E 153 23.48 -13.52 33.40
N ALA E 154 23.86 -14.35 32.43
CA ALA E 154 22.95 -15.31 31.84
C ALA E 154 22.55 -16.43 32.79
N LEU E 155 23.48 -16.91 33.62
CA LEU E 155 23.11 -17.86 34.68
C LEU E 155 22.11 -17.23 35.64
N VAL E 156 22.56 -16.22 36.38
CA VAL E 156 21.70 -15.56 37.35
C VAL E 156 20.31 -15.25 36.75
N MET E 157 20.27 -14.35 35.79
CA MET E 157 19.01 -13.94 35.17
C MET E 157 18.24 -15.14 34.65
N SER E 158 18.97 -16.21 34.32
CA SER E 158 18.32 -17.40 33.81
C SER E 158 17.39 -17.97 34.88
N TYR E 159 17.98 -18.19 36.06
CA TYR E 159 17.22 -18.75 37.18
C TYR E 159 16.21 -17.81 37.79
N LYS E 160 16.45 -16.50 37.67
CA LYS E 160 15.44 -15.52 38.10
C LYS E 160 14.26 -15.51 37.13
N LEU E 161 14.55 -15.59 35.83
CA LEU E 161 13.54 -15.63 34.81
C LEU E 161 12.69 -16.87 35.00
N LEU E 162 13.33 -18.01 35.19
CA LEU E 162 12.62 -19.22 35.57
C LEU E 162 11.76 -19.02 36.81
N GLY E 163 12.37 -18.43 37.84
CA GLY E 163 11.75 -18.31 39.17
C GLY E 163 10.49 -17.47 39.22
N LEU E 164 10.61 -16.22 38.79
CA LEU E 164 9.47 -15.32 38.70
C LEU E 164 8.34 -16.04 37.95
N ALA E 165 8.71 -16.96 37.06
CA ALA E 165 7.77 -17.69 36.24
C ALA E 165 7.28 -18.93 36.95
N GLY E 166 7.66 -19.06 38.21
CA GLY E 166 7.14 -20.12 39.06
C GLY E 166 7.75 -21.50 38.85
N VAL E 167 8.97 -21.56 38.33
CA VAL E 167 9.72 -22.83 38.23
C VAL E 167 10.94 -22.75 39.14
N ILE E 168 10.87 -23.41 40.28
CA ILE E 168 11.98 -23.32 41.23
C ILE E 168 12.77 -24.61 41.30
N PRO E 169 14.09 -24.50 41.10
CA PRO E 169 14.87 -25.70 41.35
C PRO E 169 14.54 -26.17 42.77
N GLN E 170 14.20 -27.44 42.93
CA GLN E 170 13.97 -28.00 44.25
C GLN E 170 15.30 -28.51 44.78
N THR E 171 15.69 -28.03 45.96
CA THR E 171 16.99 -28.40 46.55
C THR E 171 16.90 -29.21 47.85
N ALA E 172 16.27 -28.67 48.89
CA ALA E 172 16.33 -29.25 50.24
C ALA E 172 16.08 -30.77 50.35
N ARG E 173 15.17 -31.28 49.53
CA ARG E 173 14.81 -32.70 49.61
C ARG E 173 15.23 -33.48 48.36
N CYS E 174 15.99 -34.55 48.56
CA CYS E 174 16.37 -35.44 47.46
C CYS E 174 15.14 -35.72 46.63
N ALA E 175 15.32 -35.95 45.34
CA ALA E 175 14.19 -36.11 44.43
C ALA E 175 13.56 -37.51 44.54
N ARG E 176 14.38 -38.49 44.92
CA ARG E 176 13.98 -39.89 44.98
C ARG E 176 13.59 -40.30 46.39
N CYS E 177 14.52 -40.17 47.33
CA CYS E 177 14.32 -40.70 48.67
C CYS E 177 13.88 -39.65 49.70
N GLY E 178 14.15 -38.37 49.41
CA GLY E 178 13.77 -37.29 50.29
C GLY E 178 14.80 -36.83 51.30
N ALA E 179 16.02 -37.39 51.18
CA ALA E 179 17.11 -37.08 52.11
C ALA E 179 17.56 -35.64 51.99
N PRO E 180 17.66 -34.90 53.12
CA PRO E 180 18.04 -33.49 53.10
C PRO E 180 19.39 -33.19 52.44
N ASP E 181 19.50 -32.02 51.80
CA ASP E 181 20.75 -31.46 51.29
C ASP E 181 21.45 -32.31 50.25
N PRO E 182 20.69 -32.78 49.25
CA PRO E 182 21.28 -33.55 48.17
C PRO E 182 22.30 -32.70 47.43
N GLU E 183 23.40 -33.33 47.03
CA GLU E 183 24.54 -32.64 46.47
C GLU E 183 24.91 -33.16 45.09
N HIS E 184 24.11 -34.06 44.53
CA HIS E 184 24.46 -34.75 43.31
C HIS E 184 23.51 -34.43 42.19
N PRO E 185 24.00 -34.54 40.96
CA PRO E 185 23.21 -34.30 39.75
C PRO E 185 22.11 -35.35 39.64
N ASP E 186 20.97 -34.94 39.11
CA ASP E 186 19.91 -35.89 38.77
C ASP E 186 19.61 -35.84 37.28
N PRO E 187 19.99 -36.88 36.54
CA PRO E 187 19.87 -36.90 35.09
C PRO E 187 18.42 -36.87 34.62
N LEU E 188 17.56 -37.57 35.34
CA LEU E 188 16.20 -37.82 34.89
C LEU E 188 15.28 -36.65 35.12
N GLY E 189 15.31 -36.13 36.34
CA GLY E 189 14.39 -35.05 36.75
C GLY E 189 14.97 -33.64 36.70
N GLY E 190 16.30 -33.55 36.61
CA GLY E 190 16.98 -32.27 36.57
C GLY E 190 17.07 -31.57 37.91
N GLN E 191 16.66 -32.33 38.94
CA GLN E 191 16.74 -31.99 40.36
C GLN E 191 17.99 -32.62 41.00
N LEU E 192 18.05 -32.63 42.33
CA LEU E 192 19.23 -33.12 43.05
C LEU E 192 19.01 -34.41 43.83
N LEU E 193 19.91 -35.37 43.65
CA LEU E 193 19.83 -36.66 44.33
C LEU E 193 20.93 -36.81 45.37
N CYS E 194 20.75 -37.74 46.30
CA CYS E 194 21.74 -37.99 47.35
C CYS E 194 22.81 -38.96 46.87
N SER E 195 24.00 -38.84 47.44
CA SER E 195 25.13 -39.70 47.08
C SER E 195 24.70 -41.18 47.00
N LYS E 196 23.78 -41.57 47.88
CA LYS E 196 23.26 -42.93 47.87
C LYS E 196 22.41 -43.22 46.65
N CYS E 197 21.53 -42.28 46.30
CA CYS E 197 20.66 -42.43 45.14
C CYS E 197 21.24 -41.73 43.91
N ALA E 198 22.56 -41.59 43.87
CA ALA E 198 23.18 -40.84 42.78
C ALA E 198 24.32 -41.55 42.07
N ALA E 199 24.25 -41.52 40.72
CA ALA E 199 25.24 -42.14 39.83
C ALA E 199 26.49 -41.30 39.65
N LEU E 200 26.32 -39.99 39.58
CA LEU E 200 27.43 -39.07 39.32
C LEU E 200 27.90 -38.41 40.61
N PRO E 201 29.11 -37.86 40.59
CA PRO E 201 29.68 -37.15 41.72
C PRO E 201 28.95 -35.84 42.04
N PRO E 202 29.24 -35.28 43.21
CA PRO E 202 28.56 -34.09 43.68
C PRO E 202 28.98 -32.82 42.94
N TYR E 203 28.00 -32.00 42.57
CA TYR E 203 28.26 -30.63 42.16
C TYR E 203 29.20 -29.93 43.14
N PRO E 204 30.26 -29.31 42.61
CA PRO E 204 31.23 -28.62 43.43
C PRO E 204 30.57 -27.61 44.38
N PRO E 205 31.21 -27.35 45.52
CA PRO E 205 30.66 -26.53 46.59
C PRO E 205 30.14 -25.17 46.13
N ALA E 206 30.83 -24.56 45.18
CA ALA E 206 30.42 -23.25 44.71
C ALA E 206 29.06 -23.35 44.03
N VAL E 207 28.98 -24.31 43.12
CA VAL E 207 27.76 -24.58 42.38
C VAL E 207 26.62 -24.98 43.29
N LEU E 208 26.94 -25.68 44.37
CA LEU E 208 25.92 -26.09 45.30
C LEU E 208 25.41 -24.91 46.08
N ASP E 209 26.33 -24.15 46.66
CA ASP E 209 25.99 -22.97 47.44
C ASP E 209 25.08 -22.05 46.62
N PHE E 210 25.42 -21.87 45.35
CA PHE E 210 24.60 -21.03 44.47
C PHE E 210 23.24 -21.69 44.28
N LEU E 211 23.26 -22.94 43.84
CA LEU E 211 22.06 -23.68 43.57
C LEU E 211 21.05 -23.57 44.69
N ARG E 212 21.53 -23.78 45.92
CA ARG E 212 20.68 -23.74 47.11
C ARG E 212 20.17 -22.34 47.39
N HIS E 213 21.09 -21.41 47.60
CA HIS E 213 20.72 -20.03 47.93
C HIS E 213 20.39 -19.25 46.68
N ALA E 214 20.03 -19.97 45.62
CA ALA E 214 20.13 -19.46 44.27
C ALA E 214 19.07 -18.41 43.97
N VAL E 215 17.83 -18.74 44.27
CA VAL E 215 16.68 -17.93 43.86
C VAL E 215 16.32 -16.91 44.92
N ARG E 216 16.92 -17.04 46.10
CA ARG E 216 16.67 -16.09 47.18
C ARG E 216 17.40 -14.75 47.02
N ARG E 217 18.69 -14.78 46.68
CA ARG E 217 19.49 -13.56 46.63
C ARG E 217 18.99 -12.54 45.58
N THR E 218 19.35 -11.26 45.80
CA THR E 218 19.04 -10.18 44.86
C THR E 218 20.04 -10.18 43.70
N VAL E 219 19.61 -9.69 42.53
CA VAL E 219 20.53 -9.54 41.41
C VAL E 219 21.79 -8.78 41.84
N ARG E 220 21.57 -7.69 42.55
CA ARG E 220 22.63 -6.88 43.13
C ARG E 220 23.68 -7.78 43.82
N ALA E 221 23.27 -8.47 44.88
CA ALA E 221 24.19 -9.27 45.69
C ALA E 221 24.40 -10.71 45.20
N SER E 222 23.65 -11.12 44.19
CA SER E 222 23.89 -12.42 43.57
C SER E 222 24.89 -12.33 42.43
N PHE E 223 25.16 -11.11 41.96
CA PHE E 223 26.23 -10.87 40.99
C PHE E 223 27.59 -10.85 41.69
N GLU E 224 27.58 -10.44 42.96
CA GLU E 224 28.79 -10.35 43.77
C GLU E 224 29.35 -11.72 44.15
N GLN E 225 28.53 -12.77 44.00
CA GLN E 225 28.94 -14.13 44.38
C GLN E 225 28.88 -15.09 43.20
N PRO E 226 29.77 -14.90 42.21
CA PRO E 226 29.76 -15.74 41.01
C PRO E 226 30.41 -17.09 41.23
N VAL E 227 29.90 -18.12 40.56
CA VAL E 227 30.59 -19.41 40.52
C VAL E 227 31.92 -19.25 39.76
N PRO E 228 33.02 -19.77 40.35
CA PRO E 228 34.27 -19.81 39.62
C PRO E 228 34.07 -20.37 38.22
N SER E 229 34.80 -19.81 37.27
CA SER E 229 34.75 -20.22 35.88
C SER E 229 34.84 -21.72 35.75
N ALA E 230 35.82 -22.29 36.42
CA ALA E 230 36.02 -23.74 36.43
C ALA E 230 34.81 -24.59 36.80
N ASP E 231 33.92 -24.05 37.63
CA ASP E 231 32.79 -24.83 38.11
C ASP E 231 31.48 -24.51 37.41
N ARG E 232 31.48 -23.52 36.53
CA ARG E 232 30.24 -23.16 35.83
C ARG E 232 29.71 -24.28 34.93
N PRO E 233 30.56 -24.86 34.07
CA PRO E 233 30.14 -25.96 33.21
C PRO E 233 29.29 -27.00 33.91
N ALA E 234 29.66 -27.43 35.12
CA ALA E 234 28.78 -28.33 35.87
C ALA E 234 27.42 -27.67 36.01
N LEU E 235 27.42 -26.48 36.61
CA LEU E 235 26.22 -25.66 36.76
C LEU E 235 25.49 -25.39 35.44
N TRP E 236 26.20 -25.34 34.34
CA TRP E 236 25.46 -25.22 33.08
C TRP E 236 24.77 -26.52 32.82
N ARG E 237 25.54 -27.61 32.76
CA ARG E 237 25.00 -28.91 32.41
C ARG E 237 23.81 -29.17 33.29
N ALA E 238 23.91 -28.73 34.53
CA ALA E 238 22.80 -28.76 35.53
C ALA E 238 21.54 -28.10 35.01
N LEU E 239 21.59 -26.78 34.88
CA LEU E 239 20.48 -25.96 34.38
C LEU E 239 19.87 -26.51 33.09
N GLU E 240 20.70 -27.02 32.18
CA GLU E 240 20.20 -27.53 30.92
C GLU E 240 19.14 -28.62 31.11
N LYS E 241 19.46 -29.70 31.83
CA LYS E 241 18.48 -30.76 32.05
C LYS E 241 17.31 -30.30 32.90
N PHE E 242 17.57 -29.45 33.90
CA PHE E 242 16.45 -28.94 34.69
C PHE E 242 15.42 -28.32 33.77
N VAL E 243 15.88 -27.46 32.88
CA VAL E 243 14.97 -26.81 31.96
C VAL E 243 14.36 -27.79 30.99
N THR E 244 15.20 -28.61 30.38
CA THR E 244 14.71 -29.60 29.43
C THR E 244 13.53 -30.38 29.97
N VAL E 245 13.60 -30.73 31.25
CA VAL E 245 12.62 -31.61 31.90
C VAL E 245 11.34 -30.91 32.31
N GLN E 246 11.45 -29.64 32.73
CA GLN E 246 10.27 -28.83 32.99
C GLN E 246 9.70 -28.32 31.66
N VAL E 247 10.45 -27.40 31.06
CA VAL E 247 10.03 -26.57 29.93
C VAL E 247 10.14 -27.25 28.56
N THR F 26 5.97 14.11 -12.05
CA THR F 26 4.54 13.84 -11.73
C THR F 26 3.63 14.93 -12.25
N ALA F 27 2.75 14.58 -13.18
CA ALA F 27 1.86 15.57 -13.78
C ALA F 27 0.40 15.18 -13.66
N ASN F 28 -0.48 16.17 -13.56
CA ASN F 28 -1.93 15.89 -13.58
C ASN F 28 -2.67 16.56 -14.74
N ARG F 29 -3.55 15.79 -15.37
CA ARG F 29 -4.19 16.22 -16.60
C ARG F 29 -5.69 15.86 -16.65
N SER F 30 -6.38 16.43 -17.64
CA SER F 30 -7.81 16.20 -17.85
C SER F 30 -8.00 15.26 -19.03
N GLY F 31 -8.96 14.34 -18.93
CA GLY F 31 -9.13 13.31 -19.95
C GLY F 31 -10.50 12.67 -20.07
N ILE F 32 -10.60 11.73 -21.01
CA ILE F 32 -11.76 10.86 -21.23
C ILE F 32 -11.24 9.46 -21.48
N VAL F 33 -11.86 8.44 -20.89
CA VAL F 33 -11.30 7.11 -21.03
C VAL F 33 -11.81 6.47 -22.31
N ILE F 34 -10.95 6.35 -23.30
CA ILE F 34 -11.35 5.79 -24.56
C ILE F 34 -10.95 4.33 -24.66
N ARG F 35 -10.22 3.82 -23.68
CA ARG F 35 -9.95 2.38 -23.65
C ARG F 35 -9.67 1.88 -22.23
N ARG F 36 -10.06 0.64 -21.97
CA ARG F 36 -10.00 0.07 -20.62
C ARG F 36 -9.71 -1.42 -20.72
N ARG F 37 -8.86 -1.89 -19.82
CA ARG F 37 -8.46 -3.29 -19.82
C ARG F 37 -7.92 -3.70 -18.44
N VAL F 38 -7.90 -5.01 -18.19
CA VAL F 38 -7.47 -5.54 -16.88
C VAL F 38 -6.58 -6.78 -17.04
N THR F 39 -5.64 -6.97 -16.11
CA THR F 39 -4.93 -8.25 -16.01
C THR F 39 -5.31 -8.84 -14.64
N PRO F 40 -5.54 -10.17 -14.59
CA PRO F 40 -6.15 -10.82 -13.42
C PRO F 40 -5.54 -10.42 -12.06
N ALA F 41 -4.34 -9.87 -12.07
CA ALA F 41 -3.75 -9.36 -10.84
C ALA F 41 -4.69 -8.37 -10.14
N GLY F 42 -5.53 -7.69 -10.91
CA GLY F 42 -6.37 -6.62 -10.38
C GLY F 42 -5.87 -5.26 -10.83
N ASP F 43 -4.90 -5.27 -11.75
CA ASP F 43 -4.34 -4.05 -12.32
C ASP F 43 -5.11 -3.66 -13.59
N ILE F 44 -5.39 -2.37 -13.72
CA ILE F 44 -6.19 -1.85 -14.84
C ILE F 44 -5.39 -0.94 -15.77
N ILE F 45 -5.05 -1.42 -16.96
CA ILE F 45 -4.34 -0.60 -17.93
C ILE F 45 -5.40 0.22 -18.66
N VAL F 46 -5.11 1.48 -18.97
CA VAL F 46 -6.13 2.35 -19.53
C VAL F 46 -5.64 3.41 -20.52
N THR F 47 -6.43 3.65 -21.56
CA THR F 47 -6.11 4.67 -22.54
C THR F 47 -7.04 5.87 -22.41
N LEU F 48 -6.43 7.04 -22.29
CA LEU F 48 -7.12 8.30 -22.12
C LEU F 48 -6.98 9.16 -23.35
N LEU F 49 -7.95 10.03 -23.57
CA LEU F 49 -7.79 11.08 -24.55
C LEU F 49 -7.80 12.41 -23.84
N THR F 50 -6.71 13.15 -23.95
CA THR F 50 -6.59 14.46 -23.36
C THR F 50 -6.37 15.46 -24.48
N PRO F 51 -6.65 16.74 -24.23
CA PRO F 51 -6.35 17.76 -25.25
C PRO F 51 -4.85 17.84 -25.60
N GLN F 52 -4.02 17.25 -24.75
CA GLN F 52 -2.57 17.22 -24.94
C GLN F 52 -2.18 16.01 -25.78
N GLY F 53 -3.20 15.35 -26.30
CA GLY F 53 -3.04 14.11 -27.05
C GLY F 53 -3.53 12.90 -26.27
N LYS F 54 -3.40 11.73 -26.88
CA LYS F 54 -3.77 10.47 -26.23
C LYS F 54 -2.70 10.14 -25.19
N LEU F 55 -3.11 9.59 -24.06
CA LEU F 55 -2.15 9.13 -23.05
C LEU F 55 -2.60 7.83 -22.39
N LYS F 56 -1.71 6.83 -22.41
CA LYS F 56 -2.02 5.50 -21.88
C LYS F 56 -1.32 5.29 -20.53
N ALA F 57 -2.10 5.29 -19.46
CA ALA F 57 -1.56 5.12 -18.13
C ALA F 57 -2.06 3.83 -17.46
N ILE F 58 -1.22 3.29 -16.56
CA ILE F 58 -1.62 2.13 -15.76
C ILE F 58 -1.78 2.50 -14.31
N ALA F 59 -2.81 1.92 -13.70
CA ALA F 59 -3.04 2.04 -12.27
C ALA F 59 -3.21 0.65 -11.66
N ARG F 60 -2.52 0.45 -10.56
CA ARG F 60 -2.60 -0.80 -9.84
C ARG F 60 -3.73 -0.67 -8.82
N GLY F 61 -4.78 -1.50 -8.96
CA GLY F 61 -5.88 -1.52 -7.99
C GLY F 61 -7.27 -1.24 -8.54
N SER F 69 -14.31 9.18 -9.96
CA SER F 69 -14.15 8.19 -11.02
C SER F 69 -13.44 6.96 -10.49
N SER F 70 -14.09 5.81 -10.65
CA SER F 70 -13.44 4.55 -10.35
C SER F 70 -12.63 4.20 -11.58
N LEU F 71 -12.49 5.18 -12.49
CA LEU F 71 -11.87 5.02 -13.80
C LEU F 71 -12.64 4.12 -14.75
N ASN F 72 -13.79 4.61 -15.20
CA ASN F 72 -14.70 3.84 -16.06
C ASN F 72 -14.74 4.29 -17.51
N LEU F 73 -14.91 3.33 -18.42
CA LEU F 73 -14.95 3.61 -19.86
C LEU F 73 -15.92 4.74 -20.19
N PHE F 74 -15.46 5.73 -20.94
CA PHE F 74 -16.29 6.88 -21.35
C PHE F 74 -16.50 7.97 -20.28
N HIS F 75 -15.94 7.76 -19.10
CA HIS F 75 -15.93 8.82 -18.12
C HIS F 75 -15.14 10.00 -18.60
N HIS F 76 -15.62 11.19 -18.29
CA HIS F 76 -14.78 12.37 -18.37
C HIS F 76 -14.16 12.56 -17.02
N VAL F 77 -12.85 12.34 -16.96
CA VAL F 77 -12.11 12.23 -15.71
C VAL F 77 -10.98 13.26 -15.70
N GLY F 78 -10.26 13.34 -14.58
CA GLY F 78 -8.99 14.06 -14.50
C GLY F 78 -8.18 13.43 -13.38
N VAL F 79 -6.86 13.41 -13.52
CA VAL F 79 -6.02 12.64 -12.60
C VAL F 79 -4.57 13.10 -12.50
N GLN F 80 -3.91 12.69 -11.41
CA GLN F 80 -2.45 12.77 -11.32
C GLN F 80 -1.85 11.43 -11.72
N VAL F 81 -0.89 11.49 -12.65
CA VAL F 81 -0.17 10.30 -13.09
C VAL F 81 1.33 10.56 -13.00
N TYR F 82 2.08 9.52 -12.65
CA TYR F 82 3.52 9.62 -12.41
C TYR F 82 4.36 8.93 -13.49
N GLN F 83 5.33 9.67 -14.02
CA GLN F 83 6.13 9.22 -15.15
C GLN F 83 7.60 9.10 -14.80
N GLY F 84 8.33 8.24 -15.51
CA GLY F 84 9.78 8.16 -15.36
C GLY F 84 10.44 6.92 -15.94
N PRO F 85 11.78 6.80 -15.72
CA PRO F 85 12.56 5.60 -16.07
C PRO F 85 12.26 4.44 -15.10
N HIS F 86 11.88 4.78 -13.88
CA HIS F 86 11.48 3.80 -12.87
C HIS F 86 10.44 2.86 -13.43
N ASN F 87 9.40 3.44 -14.04
CA ASN F 87 8.34 2.69 -14.71
C ASN F 87 8.01 3.31 -16.07
N ASP F 88 8.15 2.52 -17.13
CA ASP F 88 8.01 3.05 -18.49
C ASP F 88 6.57 3.06 -19.03
N LEU F 89 5.62 2.57 -18.25
CA LEU F 89 4.20 2.81 -18.50
C LEU F 89 3.67 3.63 -17.34
N ALA F 90 3.17 4.82 -17.63
CA ALA F 90 2.81 5.82 -16.60
C ALA F 90 1.87 5.31 -15.50
N SER F 91 2.27 5.50 -14.25
CA SER F 91 1.43 5.09 -13.13
C SER F 91 0.32 6.09 -12.86
N VAL F 92 -0.56 5.75 -11.91
CA VAL F 92 -1.72 6.61 -11.61
C VAL F 92 -1.94 6.74 -10.13
N LYS F 93 -1.99 7.97 -9.65
CA LYS F 93 -2.05 8.22 -8.21
C LYS F 93 -3.45 8.64 -7.77
N GLN F 94 -3.92 9.80 -8.23
CA GLN F 94 -5.29 10.21 -7.89
C GLN F 94 -6.16 10.47 -9.10
N ALA F 95 -7.20 9.65 -9.26
CA ALA F 95 -8.14 9.78 -10.35
C ALA F 95 -9.45 10.42 -9.89
N VAL F 96 -9.81 11.56 -10.47
CA VAL F 96 -11.04 12.24 -10.08
C VAL F 96 -12.00 12.58 -11.23
N LEU F 97 -13.25 12.15 -11.06
CA LEU F 97 -14.30 12.27 -12.07
C LEU F 97 -14.83 13.70 -12.21
N GLU F 98 -14.89 14.17 -13.46
CA GLU F 98 -15.47 15.46 -13.78
C GLU F 98 -16.92 15.34 -14.25
N GLY F 99 -17.13 14.61 -15.34
CA GLY F 99 -18.47 14.40 -15.87
C GLY F 99 -18.63 13.01 -16.42
N ALA F 100 -19.87 12.57 -16.64
CA ALA F 100 -20.10 11.24 -17.18
C ALA F 100 -21.45 11.08 -17.84
N LEU F 101 -21.54 10.08 -18.72
CA LEU F 101 -22.72 9.85 -19.55
C LEU F 101 -23.27 8.43 -19.49
N PRO F 102 -24.22 8.18 -18.56
CA PRO F 102 -24.71 6.85 -18.21
C PRO F 102 -25.48 6.22 -19.36
N THR F 103 -26.22 7.08 -20.04
CA THR F 103 -27.09 6.71 -21.16
C THR F 103 -26.39 5.81 -22.19
N LEU F 104 -25.07 5.98 -22.30
CA LEU F 104 -24.24 5.28 -23.28
C LEU F 104 -24.20 3.77 -23.09
N ALA F 105 -24.79 3.27 -22.02
CA ALA F 105 -24.83 1.83 -21.84
C ALA F 105 -25.99 1.21 -22.60
N GLU F 106 -27.10 1.95 -22.71
CA GLU F 106 -28.30 1.39 -23.34
C GLU F 106 -27.90 1.00 -24.74
N PRO F 107 -28.36 -0.17 -25.20
CA PRO F 107 -27.70 -0.87 -26.31
C PRO F 107 -27.27 -0.01 -27.55
N GLU F 108 -28.20 0.83 -28.05
CA GLU F 108 -27.95 1.71 -29.20
C GLU F 108 -26.69 2.55 -29.01
N ARG F 109 -26.87 3.52 -28.12
CA ARG F 109 -25.88 4.51 -27.89
C ARG F 109 -24.55 3.82 -27.56
N TYR F 110 -24.65 2.55 -27.16
CA TYR F 110 -23.50 1.80 -26.70
C TYR F 110 -22.61 1.42 -27.88
N ALA F 111 -23.15 0.60 -28.78
CA ALA F 111 -22.36 0.20 -29.94
C ALA F 111 -21.74 1.45 -30.54
N PHE F 112 -22.56 2.48 -30.67
CA PHE F 112 -22.08 3.72 -31.29
C PHE F 112 -20.89 4.40 -30.55
N ALA F 113 -20.98 4.50 -29.23
CA ALA F 113 -19.86 4.99 -28.45
C ALA F 113 -18.60 4.18 -28.74
N HIS F 114 -18.65 2.88 -28.40
CA HIS F 114 -17.47 2.04 -28.54
C HIS F 114 -16.78 2.36 -29.86
N LEU F 115 -17.58 2.50 -30.92
CA LEU F 115 -17.03 2.93 -32.20
C LEU F 115 -16.29 4.26 -32.11
N MET F 116 -17.01 5.31 -31.77
CA MET F 116 -16.42 6.64 -31.71
C MET F 116 -15.07 6.63 -31.00
N ALA F 117 -14.99 5.89 -29.89
CA ALA F 117 -13.76 5.85 -29.09
C ALA F 117 -12.68 5.03 -29.77
N GLU F 118 -13.09 4.05 -30.55
CA GLU F 118 -12.14 3.29 -31.35
C GLU F 118 -11.50 4.16 -32.42
N PHE F 119 -12.26 5.11 -32.95
CA PHE F 119 -11.72 6.16 -33.81
C PHE F 119 -10.74 7.06 -33.06
N ALA F 120 -11.21 7.59 -31.93
CA ALA F 120 -10.37 8.46 -31.12
C ALA F 120 -9.04 7.77 -30.86
N ASP F 121 -9.07 6.45 -30.74
CA ASP F 121 -7.87 5.71 -30.47
C ASP F 121 -7.00 5.50 -31.71
N ALA F 122 -7.62 5.30 -32.88
CA ALA F 122 -6.85 5.07 -34.14
C ALA F 122 -6.22 6.32 -34.75
N LEU F 123 -7.00 7.40 -34.83
CA LEU F 123 -6.46 8.70 -35.25
C LEU F 123 -5.86 9.33 -33.99
N PHE F 124 -5.55 10.62 -34.01
CA PHE F 124 -5.30 11.34 -32.76
C PHE F 124 -4.22 10.66 -31.92
N GLN F 125 -2.97 10.85 -32.32
CA GLN F 125 -1.89 10.04 -31.81
C GLN F 125 -1.11 10.64 -30.65
N PHE F 129 -2.39 15.25 -33.79
CA PHE F 129 -2.49 15.55 -32.35
C PHE F 129 -2.80 17.04 -32.10
N SER F 130 -4.08 17.38 -32.11
CA SER F 130 -4.53 18.74 -31.83
C SER F 130 -5.72 18.64 -30.89
N GLU F 131 -5.83 19.52 -29.88
CA GLU F 131 -6.96 19.48 -28.94
C GLU F 131 -8.32 19.41 -29.63
N GLN F 132 -8.39 19.99 -30.83
CA GLN F 132 -9.62 20.02 -31.58
C GLN F 132 -10.24 18.63 -31.63
N ALA F 133 -9.45 17.63 -31.98
CA ALA F 133 -9.94 16.25 -32.03
C ALA F 133 -10.59 15.88 -30.71
N PHE F 134 -10.03 16.34 -29.61
CA PHE F 134 -10.57 16.01 -28.30
C PHE F 134 -11.94 16.65 -28.07
N ASP F 135 -12.07 17.93 -28.44
CA ASP F 135 -13.34 18.62 -28.26
C ASP F 135 -14.41 18.04 -29.18
N LEU F 136 -13.96 17.48 -30.31
CA LEU F 136 -14.84 16.85 -31.29
C LEU F 136 -15.35 15.54 -30.76
N PHE F 137 -14.46 14.54 -30.65
CA PHE F 137 -14.84 13.23 -30.11
C PHE F 137 -15.63 13.40 -28.83
N ALA F 138 -15.20 14.35 -28.00
CA ALA F 138 -16.01 14.78 -26.86
C ALA F 138 -17.46 15.01 -27.31
N ALA F 139 -17.66 16.02 -28.15
CA ALA F 139 -18.99 16.32 -28.68
C ALA F 139 -19.70 15.08 -29.20
N SER F 140 -18.93 14.17 -29.80
CA SER F 140 -19.49 12.93 -30.34
C SER F 140 -20.16 12.16 -29.21
N LEU F 141 -19.40 11.84 -28.18
CA LEU F 141 -20.00 11.11 -27.07
C LEU F 141 -21.22 11.85 -26.52
N ARG F 142 -21.12 13.17 -26.40
CA ARG F 142 -22.27 13.95 -25.91
C ARG F 142 -23.51 13.68 -26.78
N GLY F 143 -23.37 13.88 -28.09
CA GLY F 143 -24.48 13.74 -29.04
C GLY F 143 -24.98 12.32 -29.26
N VAL F 144 -24.10 11.33 -29.11
CA VAL F 144 -24.48 9.94 -29.23
C VAL F 144 -25.18 9.51 -27.96
N ALA F 145 -24.96 10.26 -26.89
CA ALA F 145 -25.64 10.04 -25.61
C ALA F 145 -27.03 10.63 -25.56
N HIS F 146 -27.19 11.88 -25.99
CA HIS F 146 -28.47 12.60 -25.87
C HIS F 146 -29.32 12.63 -27.13
N GLN F 147 -28.76 13.16 -28.22
CA GLN F 147 -29.51 13.31 -29.47
C GLN F 147 -30.33 12.06 -29.78
N PRO F 148 -31.55 12.26 -30.29
CA PRO F 148 -32.55 11.21 -30.35
C PRO F 148 -32.27 10.18 -31.44
N ASP F 149 -31.44 10.54 -32.40
CA ASP F 149 -31.08 9.65 -33.48
C ASP F 149 -29.59 9.31 -33.44
N PRO F 150 -29.24 8.33 -32.61
CA PRO F 150 -27.85 8.06 -32.28
C PRO F 150 -27.01 7.59 -33.51
N GLU F 151 -27.63 6.80 -34.40
CA GLU F 151 -26.95 6.25 -35.58
C GLU F 151 -26.54 7.40 -36.47
N TRP F 152 -27.37 8.43 -36.51
CA TRP F 152 -27.06 9.59 -37.33
C TRP F 152 -25.85 10.34 -36.79
N VAL F 153 -25.89 10.58 -35.48
CA VAL F 153 -24.73 11.17 -34.83
C VAL F 153 -23.48 10.38 -35.19
N ALA F 154 -23.57 9.04 -35.13
CA ALA F 154 -22.40 8.19 -35.35
C ALA F 154 -21.83 8.29 -36.76
N LEU F 155 -22.71 8.33 -37.75
CA LEU F 155 -22.26 8.55 -39.13
C LEU F 155 -21.56 9.91 -39.27
N VAL F 156 -22.31 10.99 -39.08
CA VAL F 156 -21.76 12.34 -39.18
C VAL F 156 -20.42 12.51 -38.43
N MET F 157 -20.48 12.42 -37.12
CA MET F 157 -19.26 12.52 -36.31
C MET F 157 -18.19 11.55 -36.77
N SER F 158 -18.62 10.44 -37.37
CA SER F 158 -17.66 9.45 -37.87
C SER F 158 -16.78 10.10 -38.94
N TYR F 159 -17.41 10.67 -39.94
CA TYR F 159 -16.69 11.29 -41.05
C TYR F 159 -15.98 12.58 -40.68
N LYS F 160 -16.50 13.30 -39.69
CA LYS F 160 -15.77 14.46 -39.18
C LYS F 160 -14.52 14.05 -38.41
N LEU F 161 -14.66 13.01 -37.58
CA LEU F 161 -13.53 12.46 -36.80
C LEU F 161 -12.44 12.00 -37.75
N LEU F 162 -12.82 11.23 -38.76
CA LEU F 162 -11.90 10.87 -39.82
C LEU F 162 -11.27 12.10 -40.45
N GLY F 163 -12.12 13.10 -40.73
CA GLY F 163 -11.74 14.28 -41.53
C GLY F 163 -10.72 15.18 -40.87
N LEU F 164 -11.06 15.65 -39.68
CA LEU F 164 -10.14 16.46 -38.88
C LEU F 164 -8.79 15.73 -38.78
N ALA F 165 -8.85 14.40 -38.87
CA ALA F 165 -7.68 13.55 -38.75
C ALA F 165 -6.99 13.38 -40.09
N GLY F 166 -7.47 14.11 -41.09
CA GLY F 166 -6.83 14.16 -42.40
C GLY F 166 -7.05 12.96 -43.29
N VAL F 167 -8.14 12.23 -43.06
CA VAL F 167 -8.53 11.16 -43.97
C VAL F 167 -9.84 11.55 -44.62
N ILE F 168 -9.78 11.96 -45.88
CA ILE F 168 -10.96 12.43 -46.55
C ILE F 168 -11.48 11.46 -47.58
N PRO F 169 -12.77 11.08 -47.48
CA PRO F 169 -13.27 10.30 -48.59
C PRO F 169 -12.96 11.07 -49.87
N GLN F 170 -12.32 10.43 -50.85
CA GLN F 170 -12.07 11.05 -52.16
C GLN F 170 -13.28 10.79 -53.04
N THR F 171 -13.90 11.85 -53.54
CA THR F 171 -15.15 11.70 -54.29
C THR F 171 -15.07 12.07 -55.76
N ALA F 172 -14.68 13.31 -56.04
CA ALA F 172 -14.69 13.89 -57.39
C ALA F 172 -14.14 12.98 -58.51
N ARG F 173 -13.10 12.21 -58.22
CA ARG F 173 -12.46 11.42 -59.26
C ARG F 173 -12.59 9.92 -59.06
N CYS F 174 -13.10 9.22 -60.07
CA CYS F 174 -13.16 7.76 -60.03
C CYS F 174 -11.83 7.24 -59.55
N ALA F 175 -11.84 6.09 -58.89
CA ALA F 175 -10.61 5.56 -58.28
C ALA F 175 -9.76 4.82 -59.29
N ARG F 176 -10.39 4.31 -60.35
CA ARG F 176 -9.72 3.52 -61.39
C ARG F 176 -9.35 4.41 -62.59
N CYS F 177 -10.36 4.99 -63.23
CA CYS F 177 -10.16 5.69 -64.50
C CYS F 177 -10.04 7.21 -64.38
N GLY F 178 -10.54 7.76 -63.28
CA GLY F 178 -10.45 9.20 -63.00
C GLY F 178 -11.64 10.02 -63.45
N ALA F 179 -12.69 9.35 -63.94
CA ALA F 179 -13.88 10.01 -64.45
C ALA F 179 -14.63 10.73 -63.35
N PRO F 180 -15.00 12.02 -63.56
CA PRO F 180 -15.70 12.82 -62.55
C PRO F 180 -17.02 12.22 -62.05
N ASP F 181 -17.33 12.48 -60.78
CA ASP F 181 -18.63 12.20 -60.16
C ASP F 181 -19.03 10.71 -60.15
N PRO F 182 -18.09 9.85 -59.75
CA PRO F 182 -18.41 8.43 -59.64
C PRO F 182 -19.52 8.22 -58.61
N GLU F 183 -20.42 7.28 -58.88
CA GLU F 183 -21.53 6.98 -57.97
C GLU F 183 -21.63 5.48 -57.72
N HIS F 184 -20.50 4.78 -57.72
CA HIS F 184 -20.48 3.36 -57.51
C HIS F 184 -19.53 2.97 -56.42
N PRO F 185 -20.00 2.13 -55.49
CA PRO F 185 -19.17 1.68 -54.39
C PRO F 185 -17.98 0.92 -54.95
N ASP F 186 -16.78 1.24 -54.47
CA ASP F 186 -15.58 0.51 -54.81
C ASP F 186 -15.11 -0.38 -53.68
N PRO F 187 -15.10 -1.70 -53.92
CA PRO F 187 -14.67 -2.67 -52.91
C PRO F 187 -13.19 -2.65 -52.53
N LEU F 188 -12.31 -2.57 -53.52
CA LEU F 188 -10.89 -2.71 -53.24
C LEU F 188 -10.29 -1.55 -52.44
N GLY F 189 -10.63 -0.34 -52.83
CA GLY F 189 -10.04 0.86 -52.25
C GLY F 189 -10.92 1.63 -51.27
N GLY F 190 -12.21 1.31 -51.27
CA GLY F 190 -13.15 1.99 -50.39
C GLY F 190 -13.54 3.38 -50.81
N GLN F 191 -13.10 3.70 -52.04
CA GLN F 191 -13.43 4.95 -52.76
C GLN F 191 -14.57 4.67 -53.76
N LEU F 192 -14.80 5.60 -54.67
CA LEU F 192 -15.94 5.50 -55.60
C LEU F 192 -15.56 5.26 -57.07
N LEU F 193 -16.21 4.28 -57.69
CA LEU F 193 -16.00 3.90 -59.09
C LEU F 193 -17.12 4.45 -59.97
N CYS F 194 -16.81 4.76 -61.22
CA CYS F 194 -17.84 5.17 -62.18
C CYS F 194 -18.58 3.93 -62.69
N SER F 195 -19.70 4.15 -63.36
CA SER F 195 -20.51 3.05 -63.89
C SER F 195 -19.68 2.13 -64.79
N LYS F 196 -18.85 2.73 -65.63
CA LYS F 196 -17.99 1.97 -66.53
C LYS F 196 -16.92 1.20 -65.76
N CYS F 197 -16.71 1.58 -64.51
CA CYS F 197 -15.71 0.91 -63.67
C CYS F 197 -16.32 0.47 -62.35
N ALA F 198 -17.42 -0.28 -62.43
CA ALA F 198 -18.10 -0.75 -61.23
C ALA F 198 -18.98 -1.96 -61.48
N ALA F 199 -18.81 -2.98 -60.62
CA ALA F 199 -19.64 -4.20 -60.62
C ALA F 199 -20.96 -4.05 -59.85
N LEU F 200 -20.96 -3.21 -58.81
CA LEU F 200 -22.14 -3.00 -57.99
C LEU F 200 -22.87 -1.74 -58.36
N PRO F 201 -24.17 -1.68 -58.07
CA PRO F 201 -25.01 -0.54 -58.42
C PRO F 201 -24.71 0.70 -57.59
N PRO F 202 -25.22 1.86 -58.05
CA PRO F 202 -24.85 3.15 -57.45
C PRO F 202 -25.45 3.35 -56.07
N TYR F 203 -24.62 3.87 -55.15
CA TYR F 203 -25.13 4.41 -53.90
C TYR F 203 -26.31 5.34 -54.16
N PRO F 204 -27.40 5.14 -53.41
CA PRO F 204 -28.60 5.94 -53.58
C PRO F 204 -28.30 7.42 -53.45
N PRO F 205 -29.12 8.27 -54.11
CA PRO F 205 -28.93 9.72 -54.18
C PRO F 205 -28.72 10.38 -52.82
N ALA F 206 -29.39 9.90 -51.79
CA ALA F 206 -29.22 10.50 -50.46
C ALA F 206 -27.78 10.31 -49.98
N VAL F 207 -27.33 9.06 -50.07
CA VAL F 207 -26.02 8.67 -49.63
C VAL F 207 -24.95 9.33 -50.47
N LEU F 208 -25.24 9.51 -51.75
CA LEU F 208 -24.28 10.18 -52.61
C LEU F 208 -24.18 11.65 -52.19
N ASP F 209 -25.33 12.32 -52.07
CA ASP F 209 -25.37 13.75 -51.75
C ASP F 209 -24.59 14.01 -50.48
N PHE F 210 -24.79 13.12 -49.51
CA PHE F 210 -24.06 13.23 -48.28
C PHE F 210 -22.57 13.03 -48.53
N LEU F 211 -22.22 11.90 -49.14
CA LEU F 211 -20.84 11.53 -49.42
C LEU F 211 -20.06 12.71 -50.02
N ARG F 212 -20.66 13.29 -51.06
CA ARG F 212 -20.11 14.42 -51.79
C ARG F 212 -19.94 15.62 -50.89
N HIS F 213 -21.05 16.16 -50.41
CA HIS F 213 -21.02 17.37 -49.60
C HIS F 213 -20.75 17.05 -48.17
N ALA F 214 -20.20 15.86 -47.93
CA ALA F 214 -20.12 15.30 -46.60
C ALA F 214 -19.27 16.16 -45.68
N VAL F 215 -18.01 16.37 -46.08
CA VAL F 215 -17.00 16.90 -45.18
C VAL F 215 -17.02 18.41 -45.14
N ARG F 216 -17.80 19.03 -46.01
CA ARG F 216 -17.98 20.48 -45.99
C ARG F 216 -18.94 20.98 -44.89
N ARG F 217 -20.10 20.34 -44.77
CA ARG F 217 -21.18 20.85 -43.89
C ARG F 217 -20.83 20.89 -42.40
N THR F 218 -21.49 21.80 -41.67
CA THR F 218 -21.31 21.91 -40.22
C THR F 218 -22.14 20.85 -39.50
N VAL F 219 -21.71 20.46 -38.30
CA VAL F 219 -22.48 19.52 -37.49
C VAL F 219 -23.91 20.01 -37.39
N ARG F 220 -24.04 21.30 -37.05
CA ARG F 220 -25.32 21.98 -36.94
C ARG F 220 -26.22 21.61 -38.14
N ALA F 221 -25.81 22.00 -39.35
CA ALA F 221 -26.66 21.84 -40.53
C ALA F 221 -26.48 20.49 -41.24
N SER F 222 -25.51 19.69 -40.80
CA SER F 222 -25.35 18.34 -41.35
C SER F 222 -26.19 17.33 -40.58
N PHE F 223 -26.65 17.72 -39.39
CA PHE F 223 -27.62 16.92 -38.65
C PHE F 223 -29.02 17.11 -39.23
N GLU F 224 -29.26 18.29 -39.81
CA GLU F 224 -30.54 18.65 -40.39
C GLU F 224 -30.81 17.90 -41.69
N GLN F 225 -29.78 17.30 -42.27
CA GLN F 225 -29.94 16.58 -43.55
C GLN F 225 -29.55 15.10 -43.42
N PRO F 226 -30.32 14.31 -42.67
CA PRO F 226 -30.00 12.90 -42.44
C PRO F 226 -30.34 12.00 -43.62
N VAL F 227 -29.53 10.97 -43.86
CA VAL F 227 -29.87 9.94 -44.83
C VAL F 227 -31.10 9.18 -44.34
N PRO F 228 -32.10 8.99 -45.22
CA PRO F 228 -33.23 8.14 -44.86
C PRO F 228 -32.76 6.81 -44.29
N SER F 229 -33.52 6.30 -43.34
CA SER F 229 -33.17 5.05 -42.68
C SER F 229 -32.88 3.99 -43.71
N ALA F 230 -33.74 3.87 -44.71
CA ALA F 230 -33.60 2.83 -45.74
C ALA F 230 -32.29 2.84 -46.49
N ASP F 231 -31.66 4.01 -46.59
CA ASP F 231 -30.43 4.14 -47.36
C ASP F 231 -29.17 4.15 -46.52
N ARG F 232 -29.30 4.17 -45.21
CA ARG F 232 -28.12 4.19 -44.33
C ARG F 232 -27.24 2.96 -44.45
N PRO F 233 -27.83 1.75 -44.41
CA PRO F 233 -27.08 0.53 -44.56
C PRO F 233 -26.11 0.54 -45.72
N ALA F 234 -26.49 1.07 -46.87
CA ALA F 234 -25.52 1.24 -47.95
C ALA F 234 -24.35 2.10 -47.46
N LEU F 235 -24.68 3.32 -47.03
CA LEU F 235 -23.72 4.24 -46.43
C LEU F 235 -22.94 3.65 -45.28
N TRP F 236 -23.51 2.70 -44.55
CA TRP F 236 -22.69 2.04 -43.54
C TRP F 236 -21.69 1.19 -44.24
N ARG F 237 -22.16 0.27 -45.09
CA ARG F 237 -21.30 -0.74 -45.66
C ARG F 237 -20.19 0.04 -46.41
N ALA F 238 -20.55 1.21 -46.93
CA ALA F 238 -19.60 2.15 -47.54
C ALA F 238 -18.47 2.53 -46.61
N LEU F 239 -18.80 3.29 -45.58
CA LEU F 239 -17.82 3.71 -44.59
C LEU F 239 -16.95 2.56 -44.07
N GLU F 240 -17.53 1.39 -43.90
CA GLU F 240 -16.77 0.26 -43.37
C GLU F 240 -15.54 -0.08 -44.20
N LYS F 241 -15.72 -0.34 -45.50
CA LYS F 241 -14.56 -0.59 -46.38
C LYS F 241 -13.62 0.61 -46.48
N PHE F 242 -14.17 1.80 -46.59
CA PHE F 242 -13.29 2.97 -46.62
C PHE F 242 -12.32 2.95 -45.47
N VAL F 243 -12.84 2.78 -44.26
CA VAL F 243 -11.99 2.78 -43.08
C VAL F 243 -11.08 1.57 -43.08
N THR F 244 -11.64 0.38 -43.32
CA THR F 244 -10.86 -0.85 -43.34
C THR F 244 -9.59 -0.71 -44.18
N VAL F 245 -9.73 -0.05 -45.34
CA VAL F 245 -8.63 0.11 -46.29
C VAL F 245 -7.57 1.18 -45.93
N GLN F 246 -8.00 2.30 -45.33
CA GLN F 246 -7.07 3.30 -44.80
C GLN F 246 -6.54 2.83 -43.44
N VAL F 247 -7.42 2.82 -42.47
CA VAL F 247 -7.07 2.61 -41.07
C VAL F 247 -6.94 1.16 -40.59
N GLY F 248 -5.98 0.95 -39.69
CA GLY F 248 -5.54 -0.40 -39.29
C GLY F 248 -6.44 -1.10 -38.28
ZN ZN G . -30.06 25.92 5.72
ZN ZN H . 22.62 27.49 19.64
ZN ZN I . 30.61 -21.09 -7.40
ZN ZN J . -23.72 -25.41 -14.65
ZN ZN K . 18.14 -40.43 47.52
ZN ZN L . -14.03 4.51 -64.02
#